data_5EE3
#
_entry.id   5EE3
#
_cell.length_a   70.086
_cell.length_b   112.390
_cell.length_c   115.023
_cell.angle_alpha   90.00
_cell.angle_beta   90.00
_cell.angle_gamma   90.00
#
_symmetry.space_group_name_H-M   'P 21 21 21'
#
loop_
_entity.id
_entity.type
_entity.pdbx_description
1 polymer 'Obg-like ATPase 1'
2 non-polymer 'PHOSPHOAMINOPHOSPHONIC ACID-ADENYLATE ESTER'
3 non-polymer 'MAGNESIUM ION'
4 non-polymer 'CHLORIDE ION'
5 non-polymer '4-(2-HYDROXYETHYL)-1-PIPERAZINE ETHANESULFONIC ACID'
6 non-polymer 'SULFATE ION'
7 water water
#
_entity_poly.entity_id   1
_entity_poly.type   'polypeptide(L)'
_entity_poly.pdbx_seq_one_letter_code
;SMPPKASKKDAAPAERPILGRFSSHLKIGIVGLPNVGKSTFFNIVTKLSIPAENFPFCTIDPNEARVYVPDERFDWLCQL
YKPKSEVSAYLEINDIAGLVRGAHAGEGLGNAFLSHIRAVDGIFHVLRAFEDKEVTHIDDSVDPVRDLETIGEELRLKDI
EFVQNKIDDLEKSMKRSNDKQLKLEHELCEKVKAHLEDGKDVRFGDWKSADIEILNTFQLLTAKPVVYLVNMSEKDYQRK
KNKFLPKIHAWVQEHGGETIIPFSCAFERLLADMPPDEAAKYCAENQIASVIPKIIKTGFAAIHLIYFFTAGPDEVKCWQ
IRRQTKAPQAAGTIHTDFERGFICAEVMKFDDLKELGSESAVKAAGKYRQEGKTYVVQDGDIIFFKFNVSGGGKK
;
_entity_poly.pdbx_strand_id   A,B
#
loop_
_chem_comp.id
_chem_comp.type
_chem_comp.name
_chem_comp.formula
ANP non-polymer 'PHOSPHOAMINOPHOSPHONIC ACID-ADENYLATE ESTER' 'C10 H17 N6 O12 P3'
CL non-polymer 'CHLORIDE ION' 'Cl -1'
EPE non-polymer '4-(2-HYDROXYETHYL)-1-PIPERAZINE ETHANESULFONIC ACID' 'C8 H18 N2 O4 S'
MG non-polymer 'MAGNESIUM ION' 'Mg 2'
SO4 non-polymer 'SULFATE ION' 'O4 S -2'
#
# COMPACT_ATOMS: atom_id res chain seq x y z
N GLU A 15 -11.95 -21.80 -12.40
CA GLU A 15 -12.18 -22.77 -11.28
C GLU A 15 -13.38 -22.35 -10.41
N ARG A 16 -13.22 -21.25 -9.67
CA ARG A 16 -14.27 -20.78 -8.74
C ARG A 16 -15.47 -20.19 -9.47
N PRO A 17 -16.66 -20.18 -8.83
CA PRO A 17 -17.83 -19.46 -9.37
C PRO A 17 -17.57 -17.97 -9.61
N ILE A 18 -18.29 -17.40 -10.57
CA ILE A 18 -18.07 -16.02 -11.01
C ILE A 18 -18.77 -15.05 -10.06
N LEU A 19 -18.05 -14.01 -9.65
CA LEU A 19 -18.61 -12.95 -8.83
C LEU A 19 -19.36 -11.99 -9.76
N GLY A 20 -20.67 -11.90 -9.55
CA GLY A 20 -21.55 -11.09 -10.40
C GLY A 20 -22.93 -11.71 -10.41
N ARG A 21 -23.93 -10.94 -10.83
CA ARG A 21 -25.32 -11.41 -10.85
C ARG A 21 -25.59 -12.43 -11.96
N PHE A 22 -26.32 -13.50 -11.62
CA PHE A 22 -26.76 -14.50 -12.60
C PHE A 22 -27.95 -13.93 -13.37
N SER A 23 -27.62 -13.07 -14.34
CA SER A 23 -28.60 -12.30 -15.11
C SER A 23 -28.20 -12.29 -16.58
N SER A 24 -29.18 -12.02 -17.44
CA SER A 24 -28.98 -11.97 -18.89
C SER A 24 -28.52 -10.59 -19.33
N HIS A 25 -29.22 -9.56 -18.86
CA HIS A 25 -29.04 -8.20 -19.34
C HIS A 25 -28.04 -7.44 -18.48
N LEU A 26 -26.75 -7.63 -18.79
CA LEU A 26 -25.66 -7.01 -18.05
C LEU A 26 -25.27 -5.66 -18.64
N LYS A 27 -24.93 -4.73 -17.77
CA LYS A 27 -24.58 -3.37 -18.14
C LYS A 27 -23.19 -3.04 -17.65
N ILE A 28 -22.53 -2.10 -18.32
CA ILE A 28 -21.26 -1.54 -17.87
C ILE A 28 -21.42 -0.03 -17.71
N GLY A 29 -20.95 0.53 -16.60
CA GLY A 29 -21.16 1.94 -16.26
C GLY A 29 -19.94 2.81 -16.50
N ILE A 30 -20.15 4.05 -16.91
CA ILE A 30 -19.05 5.01 -17.07
C ILE A 30 -18.92 5.79 -15.75
N VAL A 31 -17.88 5.49 -14.98
CA VAL A 31 -17.62 6.11 -13.68
C VAL A 31 -16.32 6.91 -13.70
N GLY A 32 -16.32 8.09 -13.07
CA GLY A 32 -15.13 8.95 -13.04
C GLY A 32 -15.41 10.30 -12.40
N LEU A 33 -14.36 11.08 -12.17
CA LEU A 33 -14.49 12.43 -11.59
C LEU A 33 -15.09 13.40 -12.63
N PRO A 34 -15.72 14.50 -12.17
CA PRO A 34 -16.36 15.42 -13.13
C PRO A 34 -15.41 16.03 -14.17
N ASN A 35 -15.90 16.18 -15.40
CA ASN A 35 -15.13 16.71 -16.53
C ASN A 35 -13.76 16.04 -16.73
N VAL A 36 -13.82 14.74 -16.97
CA VAL A 36 -12.67 13.93 -17.42
C VAL A 36 -12.88 13.27 -18.79
N GLY A 37 -14.09 13.37 -19.35
CA GLY A 37 -14.43 12.72 -20.62
C GLY A 37 -15.61 11.75 -20.63
N LYS A 38 -16.35 11.67 -19.52
CA LYS A 38 -17.41 10.66 -19.37
C LYS A 38 -18.53 10.76 -20.43
N SER A 39 -19.11 11.95 -20.59
CA SER A 39 -20.19 12.16 -21.59
C SER A 39 -19.63 12.22 -23.00
N THR A 40 -18.44 12.81 -23.17
CA THR A 40 -17.79 12.83 -24.48
C THR A 40 -17.52 11.41 -25.00
N PHE A 41 -17.07 10.52 -24.11
CA PHE A 41 -16.95 9.10 -24.44
C PHE A 41 -18.31 8.44 -24.69
N PHE A 42 -19.28 8.72 -23.83
CA PHE A 42 -20.63 8.19 -24.03
C PHE A 42 -21.23 8.62 -25.37
N ASN A 43 -21.08 9.89 -25.74
CA ASN A 43 -21.65 10.40 -27.00
C ASN A 43 -20.99 9.81 -28.24
N ILE A 44 -19.71 9.49 -28.14
CA ILE A 44 -19.02 8.71 -29.17
C ILE A 44 -19.68 7.34 -29.26
N VAL A 45 -19.87 6.71 -28.10
CA VAL A 45 -20.54 5.41 -27.99
C VAL A 45 -22.00 5.46 -28.50
N THR A 46 -22.74 6.47 -28.06
CA THR A 46 -24.12 6.70 -28.50
C THR A 46 -24.20 6.83 -30.03
N LYS A 47 -23.36 7.69 -30.60
CA LYS A 47 -23.28 7.87 -32.05
C LYS A 47 -23.01 6.57 -32.82
N LEU A 48 -22.34 5.61 -32.18
CA LEU A 48 -22.13 4.27 -32.74
C LEU A 48 -23.15 3.20 -32.24
N SER A 49 -24.26 3.62 -31.65
CA SER A 49 -25.17 2.68 -30.98
C SER A 49 -26.15 2.01 -31.93
N ILE A 50 -26.81 0.98 -31.42
CA ILE A 50 -27.89 0.27 -32.11
C ILE A 50 -29.18 1.03 -31.83
N PRO A 51 -30.04 1.23 -32.86
CA PRO A 51 -31.32 1.92 -32.60
C PRO A 51 -32.21 1.19 -31.57
N ALA A 52 -32.70 1.95 -30.59
CA ALA A 52 -33.46 1.39 -29.46
C ALA A 52 -34.75 0.65 -29.85
N GLU A 53 -35.34 1.01 -30.99
CA GLU A 53 -36.53 0.32 -31.52
C GLU A 53 -36.30 -1.16 -31.92
N ASN A 54 -35.03 -1.57 -32.04
CA ASN A 54 -34.69 -2.97 -32.35
C ASN A 54 -34.64 -3.86 -31.11
N PHE A 55 -34.72 -3.27 -29.92
CA PHE A 55 -34.96 -3.99 -28.65
C PHE A 55 -36.34 -3.58 -28.10
N PRO A 56 -37.43 -4.13 -28.67
CA PRO A 56 -38.78 -3.71 -28.27
C PRO A 56 -39.21 -4.13 -26.86
N PHE A 57 -38.60 -5.19 -26.33
CA PHE A 57 -38.83 -5.60 -24.93
C PHE A 57 -38.19 -4.67 -23.90
N CYS A 58 -37.36 -3.72 -24.32
CA CYS A 58 -36.62 -2.84 -23.41
C CYS A 58 -36.91 -1.36 -23.64
N THR A 59 -36.85 -0.60 -22.54
CA THR A 59 -36.84 0.85 -22.58
C THR A 59 -35.38 1.29 -22.48
N ILE A 60 -34.89 2.02 -23.48
CA ILE A 60 -33.51 2.52 -23.46
C ILE A 60 -33.55 4.00 -23.14
N ASP A 61 -33.13 4.32 -21.92
CA ASP A 61 -33.13 5.68 -21.39
C ASP A 61 -32.08 6.53 -22.14
N PRO A 62 -32.19 7.87 -22.07
CA PRO A 62 -31.23 8.68 -22.86
C PRO A 62 -29.77 8.54 -22.39
N ASN A 63 -29.58 8.18 -21.12
CA ASN A 63 -28.26 7.85 -20.55
C ASN A 63 -27.74 6.44 -20.89
N GLU A 64 -28.49 5.65 -21.66
CA GLU A 64 -28.15 4.26 -21.93
C GLU A 64 -27.96 4.07 -23.43
N ALA A 65 -27.02 3.21 -23.80
CA ALA A 65 -26.79 2.88 -25.21
C ALA A 65 -26.23 1.48 -25.33
N ARG A 66 -26.53 0.84 -26.45
CA ARG A 66 -26.09 -0.51 -26.75
C ARG A 66 -25.28 -0.51 -28.03
N VAL A 67 -24.12 -1.15 -27.99
CA VAL A 67 -23.17 -1.10 -29.10
C VAL A 67 -22.80 -2.50 -29.56
N TYR A 68 -22.79 -2.71 -30.88
CA TYR A 68 -22.38 -3.97 -31.47
C TYR A 68 -20.95 -4.31 -31.02
N VAL A 69 -20.77 -5.55 -30.58
CA VAL A 69 -19.45 -6.03 -30.22
C VAL A 69 -18.83 -6.51 -31.51
N PRO A 70 -17.76 -5.82 -31.99
CA PRO A 70 -17.14 -6.24 -33.24
C PRO A 70 -16.34 -7.52 -33.01
N ASP A 71 -16.30 -8.37 -34.03
CA ASP A 71 -15.64 -9.67 -33.94
C ASP A 71 -15.23 -10.15 -35.34
N GLU A 72 -13.94 -10.39 -35.52
CA GLU A 72 -13.39 -10.76 -36.84
C GLU A 72 -13.79 -12.16 -37.27
N ARG A 73 -14.01 -13.04 -36.28
CA ARG A 73 -14.44 -14.41 -36.52
C ARG A 73 -15.86 -14.37 -37.06
N PHE A 74 -16.72 -13.64 -36.37
CA PHE A 74 -18.10 -13.41 -36.78
C PHE A 74 -18.19 -12.92 -38.23
N ASP A 75 -17.38 -11.92 -38.56
CA ASP A 75 -17.33 -11.35 -39.91
C ASP A 75 -16.92 -12.39 -40.95
N TRP A 76 -15.95 -13.24 -40.59
CA TRP A 76 -15.51 -14.31 -41.48
C TRP A 76 -16.62 -15.34 -41.73
N LEU A 77 -17.39 -15.67 -40.71
CA LEU A 77 -18.55 -16.57 -40.84
C LEU A 77 -19.65 -15.96 -41.73
N CYS A 78 -19.80 -14.64 -41.68
CA CYS A 78 -20.73 -13.94 -42.57
C CYS A 78 -20.24 -13.95 -44.03
N GLN A 79 -18.92 -13.90 -44.24
CA GLN A 79 -18.36 -14.02 -45.59
C GLN A 79 -18.56 -15.43 -46.16
N LEU A 80 -18.40 -16.44 -45.30
CA LEU A 80 -18.49 -17.85 -45.72
C LEU A 80 -19.91 -18.25 -46.14
N TYR A 81 -20.86 -18.09 -45.22
CA TYR A 81 -22.24 -18.48 -45.44
C TYR A 81 -23.06 -17.44 -46.21
N LYS A 82 -22.57 -16.20 -46.31
CA LYS A 82 -23.33 -15.08 -46.89
C LYS A 82 -24.81 -15.14 -46.48
N PRO A 83 -25.08 -15.20 -45.17
CA PRO A 83 -26.43 -15.52 -44.68
C PRO A 83 -27.44 -14.40 -44.81
N LYS A 84 -28.71 -14.75 -44.69
CA LYS A 84 -29.81 -13.79 -44.81
C LYS A 84 -29.88 -12.85 -43.59
N SER A 85 -29.52 -13.36 -42.42
CA SER A 85 -29.57 -12.61 -41.16
C SER A 85 -28.23 -12.68 -40.43
N GLU A 86 -27.59 -11.52 -40.24
CA GLU A 86 -26.36 -11.39 -39.47
C GLU A 86 -26.69 -10.73 -38.12
N VAL A 87 -26.52 -11.47 -37.03
CA VAL A 87 -26.83 -10.96 -35.67
C VAL A 87 -25.58 -10.88 -34.79
N SER A 88 -25.29 -9.69 -34.28
CA SER A 88 -24.17 -9.47 -33.34
C SER A 88 -24.62 -9.50 -31.88
N ALA A 89 -23.65 -9.77 -31.01
CA ALA A 89 -23.83 -9.49 -29.59
C ALA A 89 -23.74 -7.97 -29.39
N TYR A 90 -24.11 -7.52 -28.21
CA TYR A 90 -24.08 -6.10 -27.88
C TYR A 90 -23.65 -5.88 -26.44
N LEU A 91 -23.06 -4.72 -26.20
CA LEU A 91 -22.68 -4.27 -24.87
C LEU A 91 -23.57 -3.11 -24.53
N GLU A 92 -24.22 -3.13 -23.37
CA GLU A 92 -25.00 -1.99 -22.88
C GLU A 92 -24.11 -1.14 -22.00
N ILE A 93 -23.98 0.13 -22.35
CA ILE A 93 -23.13 1.07 -21.62
C ILE A 93 -24.06 2.10 -20.98
N ASN A 94 -23.81 2.42 -19.71
CA ASN A 94 -24.61 3.41 -18.98
C ASN A 94 -23.77 4.60 -18.53
N ASP A 95 -24.15 5.80 -18.98
CA ASP A 95 -23.54 7.04 -18.52
C ASP A 95 -24.12 7.34 -17.16
N ILE A 96 -23.26 7.42 -16.16
CA ILE A 96 -23.65 7.74 -14.80
C ILE A 96 -23.24 9.19 -14.52
N ALA A 97 -24.08 9.90 -13.76
CA ALA A 97 -23.85 11.30 -13.36
C ALA A 97 -23.48 12.20 -14.53
N LEU A 109 -18.57 10.96 -6.29
CA LEU A 109 -19.25 12.15 -6.81
C LEU A 109 -20.47 12.54 -5.96
N GLY A 110 -21.20 11.56 -5.44
CA GLY A 110 -22.36 11.82 -4.58
C GLY A 110 -22.94 10.62 -3.85
N ASN A 111 -24.25 10.70 -3.59
CA ASN A 111 -25.04 9.63 -2.96
C ASN A 111 -25.96 8.95 -3.97
N ALA A 112 -26.76 9.75 -4.67
CA ALA A 112 -27.58 9.27 -5.80
C ALA A 112 -26.74 8.78 -6.99
N PHE A 113 -25.45 9.12 -7.00
CA PHE A 113 -24.43 8.47 -7.83
C PHE A 113 -24.41 6.93 -7.71
N LEU A 114 -24.62 6.42 -6.50
CA LEU A 114 -24.58 4.98 -6.22
C LEU A 114 -25.82 4.22 -6.68
N SER A 115 -26.92 4.94 -6.98
CA SER A 115 -28.12 4.30 -7.54
C SER A 115 -27.84 3.76 -8.95
N HIS A 116 -27.37 4.66 -9.82
CA HIS A 116 -26.93 4.30 -11.17
C HIS A 116 -25.75 3.31 -11.17
N ILE A 117 -24.83 3.48 -10.21
CA ILE A 117 -23.63 2.63 -10.13
C ILE A 117 -23.92 1.22 -9.61
N ARG A 118 -24.94 1.07 -8.77
CA ARG A 118 -25.33 -0.26 -8.29
C ARG A 118 -26.03 -1.06 -9.37
N ALA A 119 -26.80 -0.39 -10.23
CA ALA A 119 -27.54 -1.06 -11.31
C ALA A 119 -26.68 -1.62 -12.47
N VAL A 120 -25.40 -1.26 -12.52
CA VAL A 120 -24.48 -1.82 -13.52
C VAL A 120 -23.65 -2.98 -12.95
N ASP A 121 -23.09 -3.78 -13.85
CA ASP A 121 -22.33 -4.98 -13.52
C ASP A 121 -20.84 -4.88 -13.89
N GLY A 122 -20.37 -3.66 -14.15
CA GLY A 122 -18.95 -3.41 -14.47
C GLY A 122 -18.72 -1.91 -14.66
N ILE A 123 -17.46 -1.49 -14.58
CA ILE A 123 -17.11 -0.06 -14.60
C ILE A 123 -16.08 0.26 -15.68
N PHE A 124 -16.43 1.14 -16.61
CA PHE A 124 -15.42 1.85 -17.40
C PHE A 124 -14.93 3.00 -16.54
N HIS A 125 -13.85 2.76 -15.81
CA HIS A 125 -13.24 3.77 -14.94
C HIS A 125 -12.42 4.77 -15.80
N VAL A 126 -13.03 5.87 -16.22
CA VAL A 126 -12.35 6.87 -17.03
C VAL A 126 -11.43 7.69 -16.14
N LEU A 127 -10.22 7.96 -16.63
CA LEU A 127 -9.25 8.74 -15.87
C LEU A 127 -8.58 9.76 -16.79
N ARG A 128 -8.52 11.01 -16.32
CA ARG A 128 -7.99 12.13 -17.10
C ARG A 128 -6.47 12.17 -17.07
N ALA A 129 -5.84 12.14 -18.25
CA ALA A 129 -4.38 12.19 -18.38
C ALA A 129 -3.90 13.23 -19.41
N PHE A 130 -4.56 14.39 -19.41
CA PHE A 130 -4.20 15.51 -20.29
C PHE A 130 -4.30 16.85 -19.56
N GLU A 131 -3.46 17.81 -19.97
CA GLU A 131 -3.33 19.10 -19.29
C GLU A 131 -4.43 20.08 -19.70
N ASP A 132 -4.90 20.88 -18.74
CA ASP A 132 -6.03 21.81 -18.95
C ASP A 132 -5.65 23.00 -19.84
N LYS A 133 -6.68 23.66 -20.38
CA LYS A 133 -6.50 24.89 -21.16
C LYS A 133 -7.83 25.55 -21.47
N ASP A 140 -8.24 21.79 -8.18
CA ASP A 140 -7.92 22.25 -9.54
C ASP A 140 -6.50 21.86 -9.91
N SER A 141 -6.31 20.59 -10.30
CA SER A 141 -5.01 20.05 -10.69
C SER A 141 -5.17 18.75 -11.50
N VAL A 142 -4.12 18.37 -12.23
CA VAL A 142 -4.12 17.20 -13.11
C VAL A 142 -3.37 16.03 -12.45
N ASP A 143 -4.09 14.95 -12.11
CA ASP A 143 -3.49 13.74 -11.52
C ASP A 143 -4.46 12.55 -11.58
N PRO A 144 -4.11 11.46 -12.31
CA PRO A 144 -5.00 10.29 -12.34
C PRO A 144 -4.94 9.40 -11.09
N VAL A 145 -3.73 9.04 -10.65
CA VAL A 145 -3.56 8.20 -9.44
C VAL A 145 -4.21 8.77 -8.16
N ARG A 146 -4.28 10.08 -8.03
CA ARG A 146 -5.04 10.71 -6.94
C ARG A 146 -6.54 10.46 -7.12
N ASP A 147 -7.02 10.58 -8.37
CA ASP A 147 -8.43 10.33 -8.70
C ASP A 147 -8.79 8.86 -8.53
N LEU A 148 -7.85 7.97 -8.85
CA LEU A 148 -8.01 6.54 -8.57
C LEU A 148 -8.23 6.26 -7.07
N GLU A 149 -7.45 6.94 -6.22
CA GLU A 149 -7.56 6.78 -4.77
C GLU A 149 -8.87 7.35 -4.22
N THR A 150 -9.26 8.52 -4.73
CA THR A 150 -10.50 9.16 -4.32
C THR A 150 -11.69 8.24 -4.55
N ILE A 151 -11.80 7.74 -5.78
CA ILE A 151 -12.92 6.86 -6.17
C ILE A 151 -12.78 5.49 -5.51
N GLY A 152 -11.57 4.96 -5.46
CA GLY A 152 -11.28 3.70 -4.78
C GLY A 152 -11.73 3.72 -3.33
N GLU A 153 -11.29 4.73 -2.59
CA GLU A 153 -11.66 4.90 -1.18
C GLU A 153 -13.17 5.13 -1.05
N GLU A 154 -13.68 6.11 -1.81
CA GLU A 154 -15.12 6.42 -1.81
C GLU A 154 -16.01 5.19 -2.10
N LEU A 155 -15.52 4.29 -2.97
CA LEU A 155 -16.23 3.02 -3.26
C LEU A 155 -16.22 2.07 -2.07
N ARG A 156 -15.03 1.81 -1.52
CA ARG A 156 -14.88 0.93 -0.36
C ARG A 156 -15.71 1.38 0.85
N LEU A 157 -15.77 2.70 1.08
CA LEU A 157 -16.48 3.24 2.24
C LEU A 157 -17.99 2.98 2.18
N LYS A 158 -18.61 3.21 1.02
CA LYS A 158 -20.05 2.96 0.85
C LYS A 158 -20.39 1.45 0.81
N ASP A 159 -19.39 0.60 0.57
CA ASP A 159 -19.56 -0.86 0.75
C ASP A 159 -19.52 -1.24 2.22
N ILE A 160 -18.56 -0.69 2.97
CA ILE A 160 -18.53 -0.87 4.43
C ILE A 160 -19.88 -0.44 5.03
N GLU A 161 -20.35 0.74 4.64
CA GLU A 161 -21.68 1.22 5.02
C GLU A 161 -22.76 0.17 4.75
N PHE A 162 -22.72 -0.45 3.56
CA PHE A 162 -23.65 -1.53 3.19
C PHE A 162 -23.48 -2.79 4.06
N VAL A 163 -22.25 -3.29 4.19
CA VAL A 163 -21.95 -4.50 4.97
C VAL A 163 -22.32 -4.32 6.44
N GLN A 164 -21.96 -3.16 6.99
CA GLN A 164 -22.19 -2.83 8.40
C GLN A 164 -23.66 -2.93 8.80
N ASN A 165 -24.54 -2.43 7.93
CA ASN A 165 -25.98 -2.42 8.21
C ASN A 165 -26.56 -3.83 8.25
N LYS A 166 -26.13 -4.68 7.32
CA LYS A 166 -26.54 -6.08 7.32
C LYS A 166 -25.86 -6.85 8.45
N ILE A 167 -24.66 -6.44 8.84
CA ILE A 167 -24.02 -6.94 10.06
C ILE A 167 -24.89 -6.67 11.31
N ASP A 168 -25.48 -5.48 11.37
CA ASP A 168 -26.41 -5.12 12.45
C ASP A 168 -27.69 -5.96 12.38
N ASP A 169 -28.31 -5.97 11.20
CA ASP A 169 -29.57 -6.70 10.97
C ASP A 169 -29.44 -8.20 11.22
N LEU A 170 -28.30 -8.79 10.83
CA LEU A 170 -28.03 -10.21 11.06
C LEU A 170 -27.99 -10.56 12.55
N GLU A 171 -27.09 -9.94 13.29
CA GLU A 171 -26.92 -10.25 14.71
C GLU A 171 -28.12 -9.84 15.58
N LYS A 172 -28.88 -8.84 15.13
CA LYS A 172 -30.20 -8.53 15.72
C LYS A 172 -31.18 -9.69 15.57
N SER A 173 -31.23 -10.31 14.39
CA SER A 173 -32.09 -11.46 14.14
C SER A 173 -31.57 -12.76 14.77
N MET A 174 -30.25 -12.88 14.92
CA MET A 174 -29.64 -14.05 15.59
C MET A 174 -29.98 -14.14 17.08
N LYS A 175 -30.35 -13.02 17.69
CA LYS A 175 -30.90 -13.02 19.05
C LYS A 175 -32.12 -13.93 19.18
N ARG A 176 -32.99 -13.90 18.16
CA ARG A 176 -34.28 -14.62 18.17
C ARG A 176 -34.30 -15.95 17.39
N SER A 177 -33.24 -16.24 16.62
CA SER A 177 -33.14 -17.49 15.85
C SER A 177 -31.78 -18.17 15.97
N ASN A 178 -31.77 -19.48 15.75
CA ASN A 178 -30.57 -20.31 15.74
C ASN A 178 -30.24 -20.78 14.32
N ASP A 179 -30.67 -20.00 13.32
CA ASP A 179 -30.54 -20.39 11.91
C ASP A 179 -29.08 -20.37 11.50
N LYS A 180 -28.61 -21.47 10.92
CA LYS A 180 -27.23 -21.59 10.46
C LYS A 180 -26.89 -20.58 9.36
N GLN A 181 -27.86 -20.29 8.50
CA GLN A 181 -27.66 -19.32 7.41
C GLN A 181 -27.39 -17.90 7.93
N LEU A 182 -28.06 -17.52 9.01
CA LEU A 182 -27.77 -16.25 9.68
C LEU A 182 -26.34 -16.21 10.21
N LYS A 183 -25.88 -17.32 10.79
CA LYS A 183 -24.50 -17.45 11.28
C LYS A 183 -23.50 -17.35 10.13
N LEU A 184 -23.74 -18.10 9.05
CA LEU A 184 -22.86 -18.11 7.87
C LEU A 184 -22.74 -16.73 7.21
N GLU A 185 -23.89 -16.08 7.02
CA GLU A 185 -23.93 -14.72 6.49
C GLU A 185 -23.20 -13.74 7.42
N HIS A 186 -23.38 -13.91 8.73
CA HIS A 186 -22.69 -13.07 9.71
C HIS A 186 -21.18 -13.25 9.65
N GLU A 187 -20.72 -14.50 9.59
CA GLU A 187 -19.29 -14.80 9.48
C GLU A 187 -18.65 -14.12 8.27
N LEU A 188 -19.34 -14.19 7.12
CA LEU A 188 -18.87 -13.53 5.90
C LEU A 188 -18.81 -12.02 6.01
N CYS A 189 -19.90 -11.42 6.50
CA CYS A 189 -19.96 -9.96 6.64
C CYS A 189 -18.84 -9.40 7.51
N GLU A 190 -18.46 -10.14 8.55
CA GLU A 190 -17.28 -9.79 9.36
C GLU A 190 -16.00 -9.90 8.52
N LYS A 191 -15.81 -11.03 7.86
CA LYS A 191 -14.63 -11.24 6.99
C LYS A 191 -14.58 -10.23 5.83
N VAL A 192 -15.74 -9.84 5.31
CA VAL A 192 -15.82 -8.85 4.23
C VAL A 192 -15.38 -7.46 4.71
N LYS A 193 -15.92 -7.01 5.84
CA LYS A 193 -15.56 -5.70 6.42
C LYS A 193 -14.08 -5.61 6.81
N ALA A 194 -13.49 -6.73 7.22
CA ALA A 194 -12.05 -6.79 7.50
C ALA A 194 -11.24 -6.47 6.25
N HIS A 195 -11.65 -7.09 5.14
CA HIS A 195 -11.00 -6.92 3.83
C HIS A 195 -11.05 -5.46 3.35
N LEU A 196 -12.21 -4.82 3.52
CA LEU A 196 -12.42 -3.44 3.09
C LEU A 196 -11.64 -2.43 3.93
N GLU A 197 -11.64 -2.64 5.25
CA GLU A 197 -10.83 -1.82 6.17
C GLU A 197 -9.33 -2.00 5.96
N ASP A 198 -8.92 -3.21 5.58
CA ASP A 198 -7.52 -3.51 5.23
C ASP A 198 -7.04 -2.80 3.94
N GLY A 199 -7.95 -2.14 3.20
CA GLY A 199 -7.61 -1.36 2.01
C GLY A 199 -7.57 -2.21 0.74
N LYS A 200 -8.53 -3.13 0.62
CA LYS A 200 -8.66 -4.02 -0.55
C LYS A 200 -10.12 -4.07 -1.00
N ASP A 201 -10.33 -4.41 -2.28
CA ASP A 201 -11.66 -4.46 -2.90
C ASP A 201 -12.21 -5.88 -2.91
N VAL A 202 -13.49 -6.04 -2.55
CA VAL A 202 -14.15 -7.37 -2.45
C VAL A 202 -13.88 -8.29 -3.66
N ARG A 203 -13.82 -7.67 -4.84
CA ARG A 203 -13.40 -8.30 -6.10
C ARG A 203 -12.08 -9.09 -6.05
N PHE A 204 -11.13 -8.65 -5.23
CA PHE A 204 -9.82 -9.31 -5.12
C PHE A 204 -9.59 -10.06 -3.81
N GLY A 205 -10.67 -10.54 -3.20
CA GLY A 205 -10.58 -11.44 -2.07
C GLY A 205 -10.47 -12.87 -2.54
N ASP A 206 -10.01 -13.74 -1.65
CA ASP A 206 -9.85 -15.17 -1.90
C ASP A 206 -11.03 -15.87 -1.25
N TRP A 207 -12.15 -15.93 -1.98
CA TRP A 207 -13.43 -16.38 -1.42
C TRP A 207 -13.74 -17.83 -1.76
N LYS A 208 -14.32 -18.54 -0.79
CA LYS A 208 -14.87 -19.88 -1.02
C LYS A 208 -16.14 -19.77 -1.86
N SER A 209 -16.54 -20.87 -2.49
CA SER A 209 -17.69 -20.90 -3.40
C SER A 209 -18.98 -20.39 -2.75
N ALA A 210 -19.22 -20.78 -1.50
CA ALA A 210 -20.43 -20.41 -0.77
C ALA A 210 -20.45 -18.95 -0.30
N ASP A 211 -19.27 -18.35 -0.11
CA ASP A 211 -19.16 -16.93 0.23
C ASP A 211 -19.66 -16.08 -0.94
N ILE A 212 -19.20 -16.43 -2.15
CA ILE A 212 -19.59 -15.76 -3.39
C ILE A 212 -21.11 -15.72 -3.58
N GLU A 213 -21.78 -16.85 -3.31
CA GLU A 213 -23.24 -16.93 -3.37
C GLU A 213 -23.90 -15.84 -2.51
N ILE A 214 -23.39 -15.65 -1.30
CA ILE A 214 -23.90 -14.63 -0.38
C ILE A 214 -23.49 -13.23 -0.86
N LEU A 215 -22.23 -13.10 -1.29
CA LEU A 215 -21.71 -11.84 -1.86
C LEU A 215 -22.54 -11.32 -3.03
N ASN A 216 -22.91 -12.23 -3.94
CA ASN A 216 -23.73 -11.87 -5.11
C ASN A 216 -25.13 -11.35 -4.76
N THR A 217 -25.62 -11.66 -3.57
CA THR A 217 -26.85 -11.06 -3.05
C THR A 217 -26.68 -9.57 -2.72
N PHE A 218 -25.46 -9.18 -2.34
CA PHE A 218 -25.18 -7.82 -1.86
C PHE A 218 -24.95 -6.78 -2.95
N GLN A 219 -24.59 -7.20 -4.18
CA GLN A 219 -24.47 -6.29 -5.31
C GLN A 219 -23.41 -5.20 -5.02
N LEU A 220 -22.36 -5.58 -4.29
CA LEU A 220 -21.39 -4.62 -3.73
C LEU A 220 -20.57 -3.95 -4.83
N LEU A 221 -20.29 -2.66 -4.64
CA LEU A 221 -19.65 -1.81 -5.64
C LEU A 221 -18.23 -2.25 -6.01
N THR A 222 -17.43 -2.60 -5.01
CA THR A 222 -16.06 -3.05 -5.24
C THR A 222 -15.95 -4.52 -5.66
N ALA A 223 -17.08 -5.23 -5.75
CA ALA A 223 -17.16 -6.55 -6.38
C ALA A 223 -17.29 -6.44 -7.91
N LYS A 224 -17.68 -5.27 -8.40
CA LYS A 224 -17.88 -5.03 -9.83
C LYS A 224 -16.51 -4.82 -10.50
N PRO A 225 -16.25 -5.50 -11.65
CA PRO A 225 -14.96 -5.34 -12.32
C PRO A 225 -14.77 -3.98 -13.00
N VAL A 226 -13.50 -3.57 -13.11
CA VAL A 226 -13.13 -2.27 -13.67
C VAL A 226 -12.30 -2.47 -14.95
N VAL A 227 -12.58 -1.65 -15.96
CA VAL A 227 -11.65 -1.47 -17.09
C VAL A 227 -11.24 0.01 -17.11
N TYR A 228 -9.93 0.25 -17.02
CA TYR A 228 -9.39 1.60 -16.89
C TYR A 228 -9.21 2.20 -18.27
N LEU A 229 -9.85 3.35 -18.51
CA LEU A 229 -9.73 4.09 -19.78
C LEU A 229 -9.00 5.43 -19.56
N VAL A 230 -7.70 5.46 -19.87
CA VAL A 230 -6.85 6.63 -19.64
C VAL A 230 -7.03 7.65 -20.76
N ASN A 231 -7.85 8.66 -20.52
CA ASN A 231 -8.10 9.72 -21.49
C ASN A 231 -6.91 10.66 -21.62
N MET A 232 -6.48 10.92 -22.86
CA MET A 232 -5.31 11.77 -23.12
C MET A 232 -5.42 12.53 -24.44
N SER A 233 -4.44 13.39 -24.72
CA SER A 233 -4.40 14.13 -25.99
C SER A 233 -4.31 13.17 -27.18
N GLU A 234 -4.74 13.63 -28.34
CA GLU A 234 -4.56 12.88 -29.58
C GLU A 234 -3.07 12.70 -29.90
N LYS A 235 -2.27 13.72 -29.57
CA LYS A 235 -0.82 13.68 -29.75
C LYS A 235 -0.18 12.56 -28.92
N ASP A 236 -0.44 12.56 -27.60
CA ASP A 236 0.01 11.50 -26.68
C ASP A 236 -0.36 10.12 -27.21
N TYR A 237 -1.64 9.98 -27.58
CA TYR A 237 -2.18 8.71 -28.04
C TYR A 237 -1.43 8.15 -29.25
N GLN A 238 -1.28 9.00 -30.27
CA GLN A 238 -0.62 8.60 -31.51
C GLN A 238 0.87 8.32 -31.29
N ARG A 239 1.53 9.14 -30.45
CA ARG A 239 2.93 8.90 -30.04
C ARG A 239 3.11 7.66 -29.16
N LYS A 240 2.02 7.22 -28.50
CA LYS A 240 2.01 6.07 -27.61
C LYS A 240 2.92 6.30 -26.41
N LYS A 241 2.84 7.51 -25.86
CA LYS A 241 3.61 7.91 -24.69
C LYS A 241 2.84 9.00 -23.96
N ASN A 242 2.92 8.97 -22.63
CA ASN A 242 2.15 9.88 -21.80
C ASN A 242 2.77 9.93 -20.41
N LYS A 243 2.93 11.14 -19.88
CA LYS A 243 3.66 11.35 -18.63
C LYS A 243 3.05 10.60 -17.44
N PHE A 244 1.72 10.49 -17.41
CA PHE A 244 1.01 9.85 -16.30
C PHE A 244 0.85 8.33 -16.42
N LEU A 245 1.08 7.76 -17.60
CA LEU A 245 0.75 6.34 -17.87
C LEU A 245 1.57 5.34 -17.02
N PRO A 246 2.90 5.56 -16.87
CA PRO A 246 3.65 4.64 -16.01
C PRO A 246 3.25 4.71 -14.54
N LYS A 247 2.86 5.90 -14.07
CA LYS A 247 2.37 6.08 -12.70
C LYS A 247 0.99 5.44 -12.49
N ILE A 248 0.13 5.48 -13.50
CA ILE A 248 -1.14 4.75 -13.49
C ILE A 248 -0.89 3.25 -13.57
N HIS A 249 -0.07 2.85 -14.54
CA HIS A 249 0.23 1.44 -14.80
C HIS A 249 0.77 0.71 -13.57
N ALA A 250 1.80 1.27 -12.96
CA ALA A 250 2.45 0.68 -11.79
C ALA A 250 1.51 0.60 -10.59
N TRP A 251 0.63 1.59 -10.45
CA TRP A 251 -0.40 1.59 -9.41
C TRP A 251 -1.40 0.45 -9.61
N VAL A 252 -1.87 0.28 -10.84
CA VAL A 252 -2.87 -0.77 -11.17
C VAL A 252 -2.32 -2.15 -10.81
N GLN A 253 -1.04 -2.40 -11.09
CA GLN A 253 -0.38 -3.66 -10.73
C GLN A 253 -0.48 -3.94 -9.23
N GLU A 254 -0.38 -2.89 -8.42
CA GLU A 254 -0.56 -2.98 -6.98
C GLU A 254 -2.03 -3.01 -6.52
N HIS A 255 -2.99 -3.03 -7.44
CA HIS A 255 -4.41 -2.94 -7.08
C HIS A 255 -5.36 -3.84 -7.91
N GLY A 256 -4.83 -4.84 -8.60
CA GLY A 256 -5.67 -5.74 -9.40
C GLY A 256 -5.09 -6.26 -10.69
N GLY A 257 -4.29 -5.42 -11.36
CA GLY A 257 -3.72 -5.77 -12.66
C GLY A 257 -4.72 -5.75 -13.81
N GLU A 258 -5.79 -4.97 -13.65
CA GLU A 258 -6.85 -4.89 -14.68
C GLU A 258 -6.42 -4.08 -15.91
N THR A 259 -7.13 -4.27 -17.01
CA THR A 259 -6.71 -3.73 -18.29
C THR A 259 -6.77 -2.20 -18.31
N ILE A 260 -5.66 -1.59 -18.73
CA ILE A 260 -5.60 -0.15 -19.00
C ILE A 260 -5.61 0.00 -20.52
N ILE A 261 -6.62 0.70 -21.03
CA ILE A 261 -6.68 1.06 -22.44
C ILE A 261 -6.43 2.56 -22.54
N PRO A 262 -5.28 2.96 -23.09
CA PRO A 262 -5.10 4.40 -23.34
C PRO A 262 -5.90 4.83 -24.56
N PHE A 263 -6.57 5.98 -24.46
CA PHE A 263 -7.37 6.51 -25.56
C PHE A 263 -7.44 8.03 -25.51
N SER A 264 -7.67 8.65 -26.66
CA SER A 264 -7.94 10.07 -26.73
C SER A 264 -9.40 10.29 -27.05
N CYS A 265 -10.12 10.91 -26.13
CA CYS A 265 -11.54 11.23 -26.33
C CYS A 265 -11.76 12.22 -27.46
N ALA A 266 -10.84 13.18 -27.62
CA ALA A 266 -10.93 14.19 -28.69
C ALA A 266 -10.79 13.56 -30.09
N PHE A 267 -9.71 12.79 -30.27
CA PHE A 267 -9.48 12.05 -31.52
C PHE A 267 -10.66 11.19 -31.93
N GLU A 268 -11.21 10.45 -30.97
CA GLU A 268 -12.31 9.53 -31.26
C GLU A 268 -13.58 10.28 -31.64
N ARG A 269 -13.88 11.34 -30.89
CA ARG A 269 -14.99 12.28 -31.18
C ARG A 269 -14.88 12.83 -32.60
N LEU A 270 -13.68 13.35 -32.90
CA LEU A 270 -13.32 13.85 -34.21
C LEU A 270 -13.51 12.78 -35.29
N LEU A 271 -13.05 11.56 -35.01
CA LEU A 271 -13.09 10.47 -35.99
C LEU A 271 -14.47 9.88 -36.25
N ALA A 272 -15.33 9.85 -35.22
CA ALA A 272 -16.70 9.36 -35.39
C ALA A 272 -17.58 10.34 -36.14
N ASP A 273 -17.24 11.63 -36.06
CA ASP A 273 -17.98 12.69 -36.74
C ASP A 273 -17.74 12.70 -38.27
N MET A 274 -16.64 12.10 -38.71
CA MET A 274 -16.31 12.04 -40.14
C MET A 274 -16.77 10.73 -40.78
N PRO A 275 -17.16 10.76 -42.07
CA PRO A 275 -17.59 9.55 -42.76
C PRO A 275 -16.43 8.56 -43.07
N PRO A 276 -16.78 7.29 -43.42
CA PRO A 276 -15.82 6.17 -43.58
C PRO A 276 -14.50 6.41 -44.32
N ASP A 277 -14.55 6.92 -45.54
CA ASP A 277 -13.33 7.14 -46.34
C ASP A 277 -12.49 8.34 -45.86
N GLU A 278 -13.14 9.38 -45.32
CA GLU A 278 -12.41 10.48 -44.65
C GLU A 278 -11.70 9.98 -43.41
N ALA A 279 -12.35 9.06 -42.68
CA ALA A 279 -11.73 8.40 -41.55
C ALA A 279 -10.53 7.54 -41.97
N ALA A 280 -10.68 6.81 -43.08
CA ALA A 280 -9.61 5.94 -43.58
C ALA A 280 -8.42 6.74 -44.09
N LYS A 281 -8.68 7.82 -44.82
CA LYS A 281 -7.63 8.77 -45.24
C LYS A 281 -6.92 9.40 -44.03
N TYR A 282 -7.70 9.82 -43.03
CA TYR A 282 -7.16 10.41 -41.80
C TYR A 282 -6.28 9.43 -41.04
N CYS A 283 -6.76 8.19 -40.91
CA CYS A 283 -6.00 7.15 -40.19
C CYS A 283 -4.67 6.81 -40.89
N ALA A 284 -4.70 6.72 -42.22
CA ALA A 284 -3.49 6.51 -43.01
C ALA A 284 -2.51 7.67 -42.83
N GLU A 285 -2.94 8.86 -43.23
CA GLU A 285 -2.06 10.05 -43.28
C GLU A 285 -1.45 10.45 -41.93
N ASN A 286 -2.15 10.18 -40.83
CA ASN A 286 -1.64 10.48 -39.49
C ASN A 286 -1.04 9.26 -38.77
N GLN A 287 -1.02 8.10 -39.43
CA GLN A 287 -0.52 6.84 -38.87
C GLN A 287 -1.11 6.58 -37.49
N ILE A 288 -2.43 6.46 -37.45
CA ILE A 288 -3.23 6.42 -36.22
C ILE A 288 -4.45 5.51 -36.44
N ALA A 289 -5.03 5.00 -35.35
CA ALA A 289 -6.23 4.15 -35.45
C ALA A 289 -7.10 4.22 -34.20
N SER A 290 -8.39 3.99 -34.40
CA SER A 290 -9.38 4.00 -33.30
C SER A 290 -9.23 2.77 -32.42
N VAL A 291 -9.44 2.95 -31.11
CA VAL A 291 -9.40 1.86 -30.13
C VAL A 291 -10.78 1.61 -29.48
N ILE A 292 -11.84 2.22 -30.03
CA ILE A 292 -13.21 2.01 -29.54
C ILE A 292 -13.62 0.54 -29.62
N PRO A 293 -13.33 -0.14 -30.76
CA PRO A 293 -13.63 -1.59 -30.84
C PRO A 293 -12.99 -2.42 -29.72
N LYS A 294 -11.73 -2.13 -29.40
CA LYS A 294 -11.04 -2.81 -28.29
C LYS A 294 -11.72 -2.51 -26.98
N ILE A 295 -12.16 -1.27 -26.80
CA ILE A 295 -12.87 -0.86 -25.60
C ILE A 295 -14.19 -1.61 -25.46
N ILE A 296 -14.91 -1.76 -26.56
CA ILE A 296 -16.15 -2.51 -26.55
C ILE A 296 -15.88 -4.00 -26.23
N LYS A 297 -14.91 -4.59 -26.93
CA LYS A 297 -14.54 -5.99 -26.67
C LYS A 297 -14.06 -6.23 -25.23
N THR A 298 -13.18 -5.37 -24.73
CA THR A 298 -12.61 -5.56 -23.38
C THR A 298 -13.65 -5.45 -22.28
N GLY A 299 -14.52 -4.45 -22.39
CA GLY A 299 -15.62 -4.26 -21.44
C GLY A 299 -16.54 -5.46 -21.39
N PHE A 300 -16.91 -5.95 -22.57
CA PHE A 300 -17.76 -7.12 -22.72
C PHE A 300 -17.16 -8.37 -22.05
N ALA A 301 -15.88 -8.61 -22.28
CA ALA A 301 -15.15 -9.71 -21.62
C ALA A 301 -14.99 -9.51 -20.12
N ALA A 302 -14.72 -8.27 -19.72
CA ALA A 302 -14.48 -7.92 -18.31
C ALA A 302 -15.68 -8.17 -17.40
N ILE A 303 -16.89 -8.00 -17.92
CA ILE A 303 -18.13 -8.36 -17.20
C ILE A 303 -18.54 -9.84 -17.37
N HIS A 304 -17.62 -10.67 -17.85
CA HIS A 304 -17.75 -12.13 -17.88
C HIS A 304 -18.70 -12.66 -18.96
N LEU A 305 -18.97 -11.85 -19.98
CA LEU A 305 -19.74 -12.31 -21.12
C LEU A 305 -18.83 -12.91 -22.19
N ILE A 306 -19.35 -13.94 -22.85
CA ILE A 306 -18.78 -14.50 -24.06
C ILE A 306 -19.93 -14.81 -25.02
N TYR A 307 -19.66 -15.47 -26.14
CA TYR A 307 -20.71 -15.97 -27.00
C TYR A 307 -20.25 -17.18 -27.80
N PHE A 308 -21.22 -17.98 -28.25
CA PHE A 308 -20.99 -19.04 -29.22
C PHE A 308 -21.71 -18.65 -30.49
N PHE A 309 -21.25 -19.18 -31.62
CA PHE A 309 -21.87 -18.90 -32.91
C PHE A 309 -22.87 -19.98 -33.29
N THR A 310 -23.90 -19.61 -34.03
CA THR A 310 -24.62 -20.56 -34.89
C THR A 310 -24.44 -19.98 -36.27
N ALA A 311 -24.42 -20.84 -37.29
CA ALA A 311 -24.00 -20.42 -38.61
C ALA A 311 -24.47 -21.37 -39.72
N GLY A 312 -25.37 -20.86 -40.56
CA GLY A 312 -25.76 -21.51 -41.80
C GLY A 312 -26.11 -20.44 -42.82
N PRO A 313 -26.72 -20.84 -43.95
CA PRO A 313 -27.22 -19.82 -44.90
C PRO A 313 -28.47 -19.08 -44.36
N ASP A 314 -29.19 -19.71 -43.43
CA ASP A 314 -30.34 -19.09 -42.75
C ASP A 314 -29.87 -17.84 -42.00
N GLU A 315 -28.98 -18.04 -41.03
CA GLU A 315 -28.39 -16.92 -40.30
C GLU A 315 -27.03 -17.27 -39.68
N VAL A 316 -26.26 -16.23 -39.37
CA VAL A 316 -25.10 -16.34 -38.49
C VAL A 316 -25.37 -15.42 -37.30
N LYS A 317 -25.32 -15.97 -36.10
CA LYS A 317 -25.71 -15.26 -34.88
C LYS A 317 -24.73 -15.51 -33.73
N CYS A 318 -24.45 -14.45 -32.98
CA CYS A 318 -23.66 -14.54 -31.75
C CYS A 318 -24.62 -14.76 -30.59
N TRP A 319 -24.42 -15.83 -29.83
CA TRP A 319 -25.30 -16.19 -28.72
C TRP A 319 -24.64 -15.87 -27.38
N GLN A 320 -24.96 -14.68 -26.87
CA GLN A 320 -24.43 -14.14 -25.61
C GLN A 320 -24.67 -15.07 -24.41
N ILE A 321 -23.60 -15.42 -23.68
CA ILE A 321 -23.73 -16.15 -22.39
C ILE A 321 -22.66 -15.75 -21.36
N ARG A 322 -22.95 -16.04 -20.10
CA ARG A 322 -21.98 -15.87 -19.02
C ARG A 322 -20.90 -16.95 -19.15
N ARG A 323 -19.70 -16.65 -18.66
CA ARG A 323 -18.61 -17.65 -18.63
C ARG A 323 -18.99 -18.81 -17.71
N GLN A 324 -18.31 -19.93 -17.92
CA GLN A 324 -18.55 -21.18 -17.19
C GLN A 324 -20.00 -21.72 -17.34
N THR A 325 -20.61 -21.47 -18.49
CA THR A 325 -21.96 -21.95 -18.78
C THR A 325 -21.85 -23.34 -19.41
N LYS A 326 -22.66 -24.27 -18.92
CA LYS A 326 -22.67 -25.64 -19.43
C LYS A 326 -23.55 -25.71 -20.69
N ALA A 327 -23.28 -26.72 -21.52
CA ALA A 327 -23.90 -26.84 -22.84
C ALA A 327 -25.44 -26.83 -22.85
N PRO A 328 -26.09 -27.51 -21.87
CA PRO A 328 -27.55 -27.45 -21.80
C PRO A 328 -28.08 -26.05 -21.51
N GLN A 329 -27.44 -25.33 -20.60
CA GLN A 329 -27.91 -23.99 -20.20
C GLN A 329 -27.73 -23.03 -21.39
N ALA A 330 -26.60 -23.18 -22.09
CA ALA A 330 -26.34 -22.47 -23.34
C ALA A 330 -27.41 -22.75 -24.39
N ALA A 331 -27.78 -24.02 -24.55
CA ALA A 331 -28.80 -24.42 -25.53
C ALA A 331 -30.17 -23.83 -25.18
N GLY A 332 -30.46 -23.75 -23.89
CA GLY A 332 -31.68 -23.12 -23.38
C GLY A 332 -31.89 -21.69 -23.84
N THR A 333 -30.79 -20.95 -23.96
CA THR A 333 -30.85 -19.55 -24.40
C THR A 333 -31.42 -19.37 -25.81
N ILE A 334 -31.44 -20.42 -26.63
CA ILE A 334 -32.04 -20.38 -27.97
C ILE A 334 -33.53 -20.73 -27.92
N HIS A 335 -33.84 -21.83 -27.24
CA HIS A 335 -35.20 -22.35 -27.12
C HIS A 335 -35.20 -23.33 -25.96
N THR A 336 -36.21 -23.27 -25.09
CA THR A 336 -36.19 -24.02 -23.81
C THR A 336 -36.12 -25.53 -24.00
N ASP A 337 -36.87 -26.02 -24.99
CA ASP A 337 -36.82 -27.42 -25.43
C ASP A 337 -35.41 -27.98 -25.66
N PHE A 338 -34.52 -27.15 -26.22
CA PHE A 338 -33.14 -27.55 -26.52
C PHE A 338 -32.40 -27.99 -25.24
N GLU A 339 -32.74 -27.35 -24.12
CA GLU A 339 -32.23 -27.71 -22.80
C GLU A 339 -33.01 -28.85 -22.16
N ARG A 340 -34.34 -28.80 -22.22
CA ARG A 340 -35.21 -29.74 -21.46
C ARG A 340 -35.03 -31.18 -21.96
N GLY A 341 -34.96 -31.36 -23.28
CA GLY A 341 -34.71 -32.66 -23.90
C GLY A 341 -33.31 -32.76 -24.47
N PHE A 342 -32.34 -32.12 -23.80
CA PHE A 342 -30.97 -32.02 -24.30
C PHE A 342 -30.36 -33.40 -24.55
N ILE A 343 -29.90 -33.62 -25.78
CA ILE A 343 -29.13 -34.82 -26.12
C ILE A 343 -27.65 -34.43 -26.14
N CYS A 344 -27.26 -33.59 -27.10
CA CYS A 344 -25.86 -33.20 -27.29
C CYS A 344 -25.71 -31.85 -28.00
N ALA A 345 -24.52 -31.27 -27.88
CA ALA A 345 -24.15 -30.08 -28.62
C ALA A 345 -23.04 -30.44 -29.61
N GLU A 346 -23.35 -30.30 -30.90
CA GLU A 346 -22.39 -30.59 -31.96
C GLU A 346 -21.57 -29.33 -32.27
N VAL A 347 -20.36 -29.29 -31.72
CA VAL A 347 -19.54 -28.07 -31.66
C VAL A 347 -18.26 -28.17 -32.50
N MET A 348 -17.98 -27.14 -33.29
CA MET A 348 -16.68 -27.01 -33.96
C MET A 348 -16.01 -25.69 -33.59
N LYS A 349 -14.69 -25.74 -33.39
CA LYS A 349 -13.89 -24.58 -33.06
C LYS A 349 -13.74 -23.72 -34.31
N PHE A 350 -13.58 -22.42 -34.12
CA PHE A 350 -13.47 -21.49 -35.26
C PHE A 350 -12.21 -21.76 -36.08
N ASP A 351 -11.08 -21.90 -35.39
CA ASP A 351 -9.78 -22.15 -36.03
C ASP A 351 -9.82 -23.33 -37.01
N ASP A 352 -10.48 -24.41 -36.59
CA ASP A 352 -10.70 -25.60 -37.44
C ASP A 352 -11.59 -25.32 -38.68
N LEU A 353 -12.56 -24.42 -38.56
CA LEU A 353 -13.41 -24.04 -39.71
C LEU A 353 -12.67 -23.16 -40.73
N LYS A 354 -11.95 -22.14 -40.25
CA LYS A 354 -11.18 -21.26 -41.16
C LYS A 354 -10.04 -21.99 -41.86
N GLU A 355 -9.39 -22.91 -41.15
CA GLU A 355 -8.30 -23.72 -41.73
C GLU A 355 -8.82 -24.65 -42.84
N LEU A 356 -9.83 -25.47 -42.51
CA LEU A 356 -10.32 -26.52 -43.40
C LEU A 356 -11.33 -26.04 -44.46
N GLY A 357 -11.87 -24.82 -44.30
CA GLY A 357 -12.64 -24.17 -45.37
C GLY A 357 -14.15 -24.32 -45.34
N SER A 358 -14.65 -25.39 -44.74
CA SER A 358 -16.10 -25.62 -44.64
C SER A 358 -16.44 -26.67 -43.59
N GLU A 359 -17.72 -26.75 -43.23
CA GLU A 359 -18.17 -27.71 -42.20
C GLU A 359 -18.06 -29.14 -42.72
N SER A 360 -18.39 -29.33 -44.00
CA SER A 360 -18.16 -30.61 -44.68
C SER A 360 -16.70 -31.05 -44.51
N ALA A 361 -15.77 -30.12 -44.75
CA ALA A 361 -14.33 -30.37 -44.60
C ALA A 361 -13.91 -30.63 -43.15
N VAL A 362 -14.49 -29.88 -42.21
CA VAL A 362 -14.24 -30.08 -40.78
C VAL A 362 -14.71 -31.47 -40.34
N LYS A 363 -15.90 -31.86 -40.82
CA LYS A 363 -16.44 -33.19 -40.56
C LYS A 363 -15.47 -34.27 -41.03
N ALA A 364 -15.01 -34.14 -42.28
CA ALA A 364 -14.03 -35.07 -42.89
C ALA A 364 -12.85 -35.39 -41.98
N ALA A 365 -12.33 -34.36 -41.30
CA ALA A 365 -11.18 -34.50 -40.40
C ALA A 365 -11.50 -34.94 -38.97
N GLY A 366 -12.75 -35.35 -38.70
CA GLY A 366 -13.16 -35.80 -37.37
C GLY A 366 -13.04 -34.73 -36.30
N LYS A 367 -13.20 -33.47 -36.69
CA LYS A 367 -13.10 -32.32 -35.78
C LYS A 367 -14.47 -31.72 -35.44
N TYR A 368 -15.53 -32.25 -36.04
CA TYR A 368 -16.92 -31.94 -35.68
C TYR A 368 -17.27 -32.73 -34.42
N ARG A 369 -16.76 -32.25 -33.27
CA ARG A 369 -16.87 -33.00 -32.01
C ARG A 369 -18.32 -33.08 -31.55
N GLN A 370 -18.56 -33.93 -30.57
CA GLN A 370 -19.88 -34.13 -29.98
C GLN A 370 -19.72 -34.08 -28.47
N GLU A 371 -20.31 -33.06 -27.84
CA GLU A 371 -20.13 -32.79 -26.41
C GLU A 371 -21.44 -32.97 -25.65
N GLY A 372 -21.31 -33.34 -24.37
CA GLY A 372 -22.44 -33.69 -23.52
C GLY A 372 -22.90 -32.60 -22.58
N LYS A 373 -23.63 -32.99 -21.55
CA LYS A 373 -24.32 -32.05 -20.66
C LYS A 373 -23.43 -31.33 -19.62
N THR A 374 -22.19 -31.78 -19.44
CA THR A 374 -21.23 -31.12 -18.55
C THR A 374 -20.11 -30.38 -19.30
N TYR A 375 -20.28 -30.16 -20.60
CA TYR A 375 -19.29 -29.45 -21.41
C TYR A 375 -19.45 -27.94 -21.27
N VAL A 376 -18.39 -27.29 -20.77
CA VAL A 376 -18.36 -25.84 -20.63
C VAL A 376 -18.11 -25.27 -22.03
N VAL A 377 -18.93 -24.29 -22.43
CA VAL A 377 -18.82 -23.71 -23.78
C VAL A 377 -17.66 -22.72 -23.81
N GLN A 378 -16.83 -22.85 -24.83
CA GLN A 378 -15.76 -21.91 -25.08
C GLN A 378 -16.26 -20.78 -25.96
N ASP A 379 -15.81 -19.56 -25.65
CA ASP A 379 -16.00 -18.42 -26.54
C ASP A 379 -15.51 -18.81 -27.92
N GLY A 380 -16.32 -18.52 -28.93
CA GLY A 380 -16.00 -18.82 -30.32
C GLY A 380 -16.48 -20.17 -30.84
N ASP A 381 -16.97 -21.05 -29.95
CA ASP A 381 -17.54 -22.34 -30.36
C ASP A 381 -18.71 -22.14 -31.31
N ILE A 382 -18.73 -22.93 -32.38
CA ILE A 382 -19.80 -22.92 -33.37
C ILE A 382 -20.62 -24.19 -33.14
N ILE A 383 -21.87 -24.03 -32.73
CA ILE A 383 -22.65 -25.12 -32.15
C ILE A 383 -23.97 -25.37 -32.89
N PHE A 384 -24.30 -26.65 -33.05
CA PHE A 384 -25.63 -27.12 -33.44
C PHE A 384 -26.10 -28.04 -32.32
N PHE A 385 -27.34 -27.86 -31.86
CA PHE A 385 -27.88 -28.61 -30.74
C PHE A 385 -28.82 -29.70 -31.19
N LYS A 386 -28.71 -30.87 -30.55
CA LYS A 386 -29.65 -31.98 -30.75
C LYS A 386 -30.42 -32.24 -29.45
N PHE A 387 -31.71 -32.54 -29.59
CA PHE A 387 -32.63 -32.57 -28.43
C PHE A 387 -33.86 -33.49 -28.65
N ASN A 388 -34.69 -33.62 -27.62
CA ASN A 388 -35.83 -34.56 -27.54
C ASN A 388 -35.42 -36.02 -27.78
N GLU B 15 7.36 -7.95 25.37
CA GLU B 15 7.34 -9.43 25.21
C GLU B 15 8.40 -9.93 24.20
N ARG B 16 8.15 -9.74 22.90
CA ARG B 16 9.04 -10.23 21.84
C ARG B 16 10.32 -9.40 21.77
N PRO B 17 11.45 -10.03 21.35
CA PRO B 17 12.75 -9.35 21.43
C PRO B 17 12.88 -8.16 20.48
N ILE B 18 13.81 -7.26 20.80
CA ILE B 18 13.89 -5.97 20.12
C ILE B 18 14.69 -6.12 18.82
N LEU B 19 14.17 -5.55 17.74
CA LEU B 19 14.83 -5.54 16.43
C LEU B 19 15.94 -4.49 16.43
N GLY B 20 17.17 -4.93 16.70
CA GLY B 20 18.32 -4.03 16.73
C GLY B 20 19.63 -4.74 17.00
N ARG B 21 20.71 -3.98 16.97
CA ARG B 21 22.05 -4.52 17.15
C ARG B 21 22.32 -4.89 18.63
N PHE B 22 22.84 -6.09 18.87
CA PHE B 22 23.25 -6.51 20.22
C PHE B 22 24.55 -5.80 20.62
N SER B 23 24.39 -4.57 21.11
CA SER B 23 25.50 -3.69 21.51
C SER B 23 24.93 -2.49 22.28
N SER B 24 25.78 -1.81 23.05
CA SER B 24 25.37 -0.61 23.82
C SER B 24 26.21 0.62 23.47
N HIS B 25 26.70 0.67 22.23
CA HIS B 25 27.35 1.86 21.68
C HIS B 25 26.59 2.25 20.42
N LEU B 26 25.30 2.54 20.61
CA LEU B 26 24.38 2.77 19.51
C LEU B 26 24.47 4.20 18.98
N LYS B 27 24.16 4.35 17.68
CA LYS B 27 24.31 5.61 16.95
C LYS B 27 23.05 5.91 16.15
N ILE B 28 22.62 7.17 16.15
CA ILE B 28 21.52 7.62 15.31
C ILE B 28 22.10 8.44 14.14
N GLY B 29 21.65 8.17 12.92
CA GLY B 29 22.18 8.81 11.72
C GLY B 29 21.23 9.82 11.10
N ILE B 30 21.77 10.93 10.60
CA ILE B 30 20.96 11.97 9.96
C ILE B 30 20.82 11.66 8.46
N VAL B 31 19.58 11.57 7.97
CA VAL B 31 19.32 11.15 6.59
C VAL B 31 18.22 11.99 5.92
N GLY B 32 18.47 12.39 4.69
CA GLY B 32 17.57 13.24 3.93
C GLY B 32 18.14 13.56 2.56
N LEU B 33 17.30 14.15 1.70
CA LEU B 33 17.73 14.57 0.36
C LEU B 33 18.65 15.80 0.46
N PRO B 34 19.20 16.24 -0.69
CA PRO B 34 20.02 17.47 -0.64
C PRO B 34 19.26 18.75 -0.29
N ASN B 35 19.95 19.67 0.38
CA ASN B 35 19.44 20.99 0.75
C ASN B 35 18.14 20.99 1.57
N VAL B 36 18.04 20.04 2.50
CA VAL B 36 16.93 20.01 3.47
C VAL B 36 17.33 20.55 4.86
N GLY B 37 18.63 20.60 5.16
CA GLY B 37 19.15 21.10 6.45
C GLY B 37 19.84 20.09 7.36
N LYS B 38 20.35 18.99 6.78
CA LYS B 38 21.07 17.97 7.54
C LYS B 38 22.36 18.50 8.15
N SER B 39 23.18 19.10 7.31
CA SER B 39 24.49 19.62 7.72
C SER B 39 24.32 20.76 8.72
N THR B 40 23.36 21.64 8.45
CA THR B 40 22.99 22.69 9.40
C THR B 40 22.58 22.11 10.74
N PHE B 41 21.73 21.07 10.70
CA PHE B 41 21.31 20.39 11.93
C PHE B 41 22.50 19.77 12.66
N PHE B 42 23.37 19.07 11.94
CA PHE B 42 24.54 18.47 12.57
C PHE B 42 25.46 19.50 13.21
N ASN B 43 25.64 20.65 12.54
CA ASN B 43 26.44 21.74 13.10
C ASN B 43 25.86 22.23 14.42
N ILE B 44 24.53 22.34 14.48
CA ILE B 44 23.84 22.70 15.72
C ILE B 44 24.13 21.65 16.80
N VAL B 45 24.13 20.38 16.40
CA VAL B 45 24.50 19.26 17.27
C VAL B 45 25.96 19.35 17.73
N THR B 46 26.88 19.55 16.78
CA THR B 46 28.31 19.75 17.08
C THR B 46 28.53 20.91 18.06
N LYS B 47 27.93 22.06 17.79
CA LYS B 47 28.05 23.23 18.69
C LYS B 47 27.59 22.91 20.12
N LEU B 48 26.61 22.01 20.26
CA LEU B 48 26.14 21.56 21.58
C LEU B 48 26.68 20.17 21.97
N SER B 49 27.76 19.71 21.34
CA SER B 49 28.29 18.36 21.60
C SER B 49 29.17 18.32 22.85
N ILE B 50 29.43 17.12 23.35
CA ILE B 50 30.30 16.87 24.50
C ILE B 50 31.71 16.77 23.97
N PRO B 51 32.69 17.48 24.59
CA PRO B 51 34.07 17.43 24.07
C PRO B 51 34.60 16.00 23.83
N ALA B 52 35.16 15.78 22.64
CA ALA B 52 35.62 14.45 22.22
C ALA B 52 36.65 13.83 23.17
N GLU B 53 37.44 14.68 23.84
CA GLU B 53 38.43 14.21 24.82
C GLU B 53 37.83 13.57 26.08
N ASN B 54 36.54 13.77 26.34
CA ASN B 54 35.85 13.10 27.44
C ASN B 54 35.60 11.60 27.24
N PHE B 55 35.73 11.12 26.00
CA PHE B 55 35.56 9.69 25.69
C PHE B 55 36.89 9.11 25.22
N PRO B 56 37.82 8.84 26.16
CA PRO B 56 39.17 8.40 25.79
C PRO B 56 39.27 7.03 25.11
N PHE B 57 38.32 6.13 25.39
CA PHE B 57 38.23 4.85 24.68
C PHE B 57 37.78 4.96 23.22
N CYS B 58 37.35 6.15 22.76
CA CYS B 58 36.78 6.33 21.42
C CYS B 58 37.52 7.37 20.60
N THR B 59 37.49 7.18 19.28
CA THR B 59 37.83 8.20 18.31
C THR B 59 36.52 8.73 17.76
N ILE B 60 36.29 10.04 17.89
CA ILE B 60 35.07 10.68 17.39
C ILE B 60 35.45 11.39 16.10
N ASP B 61 34.99 10.83 14.97
CA ASP B 61 35.23 11.41 13.64
C ASP B 61 34.61 12.81 13.54
N PRO B 62 35.06 13.63 12.59
CA PRO B 62 34.47 14.98 12.46
C PRO B 62 32.96 14.96 12.14
N ASN B 63 32.50 13.92 11.47
CA ASN B 63 31.08 13.70 11.16
C ASN B 63 30.24 13.04 12.27
N GLU B 64 30.80 12.89 13.47
CA GLU B 64 30.12 12.27 14.61
C GLU B 64 30.09 13.28 15.75
N ALA B 65 29.14 13.11 16.67
CA ALA B 65 28.98 14.04 17.79
C ALA B 65 28.11 13.42 18.87
N ARG B 66 28.46 13.69 20.13
CA ARG B 66 27.74 13.15 21.28
C ARG B 66 27.14 14.29 22.10
N VAL B 67 25.88 14.15 22.50
CA VAL B 67 25.15 15.19 23.25
C VAL B 67 24.51 14.60 24.50
N TYR B 68 24.48 15.38 25.58
CA TYR B 68 23.84 14.94 26.82
C TYR B 68 22.33 14.79 26.63
N VAL B 69 21.78 13.73 27.23
CA VAL B 69 20.36 13.51 27.23
C VAL B 69 19.81 14.20 28.45
N PRO B 70 18.98 15.25 28.26
CA PRO B 70 18.39 15.92 29.43
C PRO B 70 17.35 15.05 30.14
N ASP B 71 17.29 15.18 31.47
CA ASP B 71 16.22 14.54 32.22
C ASP B 71 15.87 15.34 33.49
N GLU B 72 14.59 15.67 33.64
CA GLU B 72 14.07 16.35 34.82
C GLU B 72 14.28 15.52 36.09
N ARG B 73 14.11 14.20 35.98
CA ARG B 73 14.28 13.29 37.11
C ARG B 73 15.73 13.28 37.59
N PHE B 74 16.65 13.17 36.64
CA PHE B 74 18.10 13.22 36.90
C PHE B 74 18.53 14.50 37.61
N ASP B 75 17.95 15.62 37.18
CA ASP B 75 18.22 16.94 37.78
C ASP B 75 17.68 17.04 39.21
N TRP B 76 16.50 16.45 39.43
CA TRP B 76 15.89 16.38 40.77
C TRP B 76 16.81 15.61 41.72
N LEU B 77 17.29 14.45 41.27
CA LEU B 77 18.23 13.62 42.03
C LEU B 77 19.58 14.31 42.29
N CYS B 78 20.05 15.09 41.32
CA CYS B 78 21.23 15.93 41.53
C CYS B 78 20.99 17.05 42.55
N GLN B 79 19.78 17.61 42.55
CA GLN B 79 19.39 18.62 43.56
C GLN B 79 19.36 18.01 44.95
N LEU B 80 18.72 16.85 45.10
CA LEU B 80 18.58 16.17 46.40
C LEU B 80 19.90 15.72 47.00
N TYR B 81 20.74 15.08 46.21
CA TYR B 81 22.00 14.50 46.70
C TYR B 81 23.21 15.44 46.62
N LYS B 82 23.20 16.39 45.66
CA LYS B 82 24.35 17.28 45.41
C LYS B 82 25.67 16.49 45.36
N PRO B 83 25.76 15.51 44.46
CA PRO B 83 26.86 14.53 44.49
C PRO B 83 28.24 15.12 44.19
N LYS B 84 29.27 14.28 44.36
CA LYS B 84 30.62 14.64 43.94
C LYS B 84 30.67 14.77 42.41
N SER B 85 30.19 13.74 41.70
CA SER B 85 30.10 13.73 40.23
C SER B 85 28.65 13.58 39.75
N GLU B 86 28.25 14.43 38.79
CA GLU B 86 26.98 14.29 38.09
C GLU B 86 27.26 13.77 36.69
N VAL B 87 26.60 12.69 36.31
CA VAL B 87 26.87 11.99 35.03
C VAL B 87 25.57 11.65 34.31
N SER B 88 25.25 12.39 33.26
CA SER B 88 24.10 12.08 32.40
C SER B 88 24.49 11.14 31.26
N ALA B 89 23.48 10.51 30.66
CA ALA B 89 23.67 9.66 29.51
C ALA B 89 23.84 10.53 28.26
N TYR B 90 24.20 9.90 27.14
CA TYR B 90 24.41 10.62 25.89
C TYR B 90 23.81 9.87 24.71
N LEU B 91 23.51 10.65 23.67
CA LEU B 91 23.12 10.13 22.36
C LEU B 91 24.25 10.49 21.40
N GLU B 92 24.65 9.56 20.55
CA GLU B 92 25.62 9.82 19.49
C GLU B 92 24.90 10.01 18.17
N ILE B 93 25.13 11.16 17.54
CA ILE B 93 24.55 11.47 16.24
C ILE B 93 25.67 11.42 15.19
N ASN B 94 25.34 10.92 14.01
CA ASN B 94 26.25 10.84 12.87
C ASN B 94 25.67 11.56 11.66
N ASP B 95 26.41 12.52 11.12
CA ASP B 95 26.09 13.12 9.81
C ASP B 95 26.60 12.17 8.73
N ILE B 96 25.71 11.75 7.84
CA ILE B 96 26.04 10.77 6.79
C ILE B 96 26.39 11.44 5.47
N ALA B 97 25.69 12.52 5.13
CA ALA B 97 25.95 13.30 3.91
C ALA B 97 27.42 13.68 3.74
N GLY B 98 28.09 14.02 4.85
CA GLY B 98 29.53 14.36 4.86
C GLY B 98 30.44 13.27 4.33
N LEU B 99 30.18 12.03 4.73
CA LEU B 99 30.96 10.86 4.30
C LEU B 99 30.95 10.67 2.76
N VAL B 100 29.84 11.01 2.12
CA VAL B 100 29.64 10.76 0.68
C VAL B 100 30.32 11.83 -0.18
N ARG B 101 29.68 13.00 -0.32
CA ARG B 101 30.14 14.11 -1.18
C ARG B 101 30.59 13.67 -2.58
N GLY B 106 22.61 12.94 -9.04
CA GLY B 106 21.83 11.90 -8.38
C GLY B 106 20.32 12.06 -8.51
N GLU B 107 19.61 10.95 -8.71
CA GLU B 107 18.14 10.95 -8.90
C GLU B 107 17.37 10.89 -7.58
N GLY B 108 17.94 10.23 -6.57
CA GLY B 108 17.35 10.15 -5.23
C GLY B 108 18.37 10.45 -4.16
N LEU B 109 19.04 9.39 -3.67
CA LEU B 109 19.88 9.44 -2.48
C LEU B 109 21.32 8.93 -2.72
N GLY B 110 21.44 7.74 -3.31
CA GLY B 110 22.73 7.14 -3.68
C GLY B 110 22.97 5.78 -3.06
N ASN B 111 23.92 5.03 -3.62
CA ASN B 111 24.34 3.73 -3.06
C ASN B 111 25.52 3.85 -2.10
N ALA B 112 26.38 4.85 -2.32
CA ALA B 112 27.45 5.19 -1.37
C ALA B 112 26.86 5.66 -0.05
N PHE B 113 25.82 6.50 -0.13
CA PHE B 113 25.06 6.98 1.03
C PHE B 113 24.34 5.84 1.77
N LEU B 114 23.68 4.97 1.01
CA LEU B 114 22.95 3.82 1.55
C LEU B 114 23.83 2.78 2.28
N SER B 115 25.11 2.69 1.90
CA SER B 115 26.07 1.86 2.63
C SER B 115 26.42 2.45 3.98
N HIS B 116 26.54 3.79 4.03
CA HIS B 116 26.94 4.48 5.25
C HIS B 116 25.88 4.47 6.37
N ILE B 117 24.61 4.25 6.00
CA ILE B 117 23.52 4.05 6.97
C ILE B 117 23.70 2.74 7.74
N ARG B 118 24.05 1.66 7.03
CA ARG B 118 24.27 0.34 7.63
C ARG B 118 24.98 0.37 8.99
N ALA B 119 25.95 1.28 9.15
CA ALA B 119 26.73 1.42 10.39
C ALA B 119 26.07 2.21 11.54
N VAL B 120 24.81 2.62 11.39
CA VAL B 120 24.07 3.26 12.49
C VAL B 120 22.80 2.46 12.82
N ASP B 121 22.21 2.78 13.96
CA ASP B 121 21.13 1.98 14.55
C ASP B 121 19.75 2.62 14.49
N GLY B 122 19.69 3.90 14.18
CA GLY B 122 18.43 4.61 13.96
C GLY B 122 18.63 5.78 13.03
N ILE B 123 17.54 6.45 12.68
CA ILE B 123 17.55 7.51 11.68
C ILE B 123 16.76 8.71 12.16
N PHE B 124 17.38 9.89 12.07
CA PHE B 124 16.63 11.13 12.00
C PHE B 124 16.38 11.34 10.52
N HIS B 125 15.12 11.18 10.09
CA HIS B 125 14.72 11.42 8.71
C HIS B 125 14.33 12.90 8.58
N VAL B 126 15.18 13.70 7.93
CA VAL B 126 14.96 15.15 7.81
C VAL B 126 14.24 15.47 6.49
N LEU B 127 13.27 16.38 6.59
CA LEU B 127 12.35 16.71 5.49
C LEU B 127 12.26 18.22 5.26
N ARG B 128 12.35 18.63 3.98
CA ARG B 128 12.19 20.05 3.62
C ARG B 128 10.70 20.40 3.65
N ALA B 129 10.34 21.35 4.50
CA ALA B 129 8.97 21.86 4.59
C ALA B 129 9.00 23.39 4.69
N PHE B 130 9.75 24.00 3.77
CA PHE B 130 9.90 25.46 3.71
C PHE B 130 10.24 25.91 2.30
N GLU B 131 10.07 27.21 2.06
CA GLU B 131 10.30 27.84 0.76
C GLU B 131 11.46 28.83 0.91
N ASP B 132 12.28 28.94 -0.12
CA ASP B 132 13.47 29.82 -0.08
C ASP B 132 14.00 30.11 -1.49
N LYS B 133 15.22 30.66 -1.58
CA LYS B 133 15.85 31.02 -2.86
C LYS B 133 16.11 29.81 -3.76
N ASP B 140 13.50 19.29 -7.53
CA ASP B 140 12.79 20.12 -8.49
C ASP B 140 11.94 21.18 -7.78
N SER B 141 11.12 20.74 -6.84
CA SER B 141 10.21 21.59 -6.06
C SER B 141 9.94 21.02 -4.66
N VAL B 142 9.34 21.83 -3.79
CA VAL B 142 9.19 21.47 -2.39
C VAL B 142 7.97 20.54 -2.17
N ASP B 143 8.26 19.26 -1.94
CA ASP B 143 7.24 18.23 -1.70
C ASP B 143 7.83 17.14 -0.78
N PRO B 144 7.66 17.26 0.56
CA PRO B 144 8.27 16.30 1.48
C PRO B 144 7.68 14.89 1.43
N VAL B 145 6.41 14.78 1.04
CA VAL B 145 5.75 13.46 0.98
C VAL B 145 6.33 12.64 -0.16
N ARG B 146 6.59 13.26 -1.30
CA ARG B 146 7.33 12.62 -2.39
C ARG B 146 8.76 12.27 -1.94
N ASP B 147 9.40 13.19 -1.21
CA ASP B 147 10.75 12.95 -0.65
C ASP B 147 10.79 11.76 0.31
N LEU B 148 9.71 11.55 1.06
CA LEU B 148 9.55 10.36 1.91
C LEU B 148 9.52 9.05 1.11
N GLU B 149 8.81 9.05 0.00
CA GLU B 149 8.69 7.85 -0.86
C GLU B 149 9.95 7.61 -1.67
N THR B 150 10.66 8.68 -2.02
CA THR B 150 11.93 8.61 -2.74
C THR B 150 12.94 7.77 -1.96
N ILE B 151 13.14 8.11 -0.69
CA ILE B 151 14.05 7.36 0.18
C ILE B 151 13.39 6.06 0.65
N GLY B 152 12.10 6.12 0.99
CA GLY B 152 11.33 4.95 1.42
C GLY B 152 11.45 3.75 0.50
N GLU B 153 11.25 3.97 -0.79
CA GLU B 153 11.40 2.91 -1.79
C GLU B 153 12.89 2.60 -2.00
N GLU B 154 13.74 3.62 -2.03
CA GLU B 154 15.18 3.44 -2.28
C GLU B 154 15.89 2.64 -1.19
N LEU B 155 15.45 2.81 0.06
CA LEU B 155 15.94 1.97 1.16
C LEU B 155 15.52 0.52 0.94
N ARG B 156 14.21 0.32 0.70
CA ARG B 156 13.65 -1.01 0.44
C ARG B 156 14.33 -1.75 -0.70
N LEU B 157 14.80 -1.03 -1.72
CA LEU B 157 15.54 -1.64 -2.82
C LEU B 157 16.86 -2.21 -2.32
N LYS B 158 17.64 -1.39 -1.62
CA LYS B 158 18.95 -1.85 -1.13
C LYS B 158 18.83 -3.00 -0.11
N ASP B 159 17.71 -3.07 0.58
CA ASP B 159 17.38 -4.24 1.43
C ASP B 159 17.09 -5.49 0.61
N ILE B 160 16.27 -5.34 -0.42
CA ILE B 160 15.96 -6.46 -1.33
C ILE B 160 17.25 -7.01 -1.97
N GLU B 161 18.17 -6.12 -2.35
CA GLU B 161 19.47 -6.52 -2.88
C GLU B 161 20.21 -7.41 -1.89
N PHE B 162 20.38 -6.92 -0.66
CA PHE B 162 21.06 -7.64 0.42
C PHE B 162 20.47 -9.03 0.63
N VAL B 163 19.16 -9.09 0.81
CA VAL B 163 18.43 -10.34 0.99
C VAL B 163 18.68 -11.30 -0.19
N GLN B 164 18.61 -10.77 -1.41
CA GLN B 164 18.81 -11.59 -2.61
C GLN B 164 20.26 -12.07 -2.72
N ASN B 165 21.21 -11.19 -2.41
CA ASN B 165 22.62 -11.57 -2.37
C ASN B 165 22.90 -12.65 -1.33
N LYS B 166 22.17 -12.65 -0.22
CA LYS B 166 22.29 -13.68 0.81
C LYS B 166 21.59 -14.98 0.39
N ILE B 167 20.44 -14.89 -0.25
CA ILE B 167 19.77 -16.09 -0.78
C ILE B 167 20.67 -16.80 -1.81
N ASP B 168 21.31 -16.03 -2.68
CA ASP B 168 22.27 -16.56 -3.65
C ASP B 168 23.48 -17.26 -2.98
N ASP B 169 23.86 -16.80 -1.79
CA ASP B 169 24.90 -17.45 -0.97
C ASP B 169 24.38 -18.64 -0.16
N LEU B 170 23.16 -18.54 0.36
CA LEU B 170 22.55 -19.64 1.14
C LEU B 170 22.29 -20.86 0.26
N GLU B 171 21.70 -20.62 -0.90
CA GLU B 171 21.41 -21.70 -1.85
C GLU B 171 22.68 -22.42 -2.32
N LYS B 172 23.80 -21.70 -2.42
CA LYS B 172 25.11 -22.31 -2.73
C LYS B 172 25.64 -23.21 -1.61
N SER B 173 25.39 -22.81 -0.36
CA SER B 173 25.79 -23.60 0.80
C SER B 173 24.95 -24.87 0.97
N MET B 174 23.64 -24.74 0.77
CA MET B 174 22.68 -25.86 0.96
C MET B 174 22.87 -27.02 0.00
N LYS B 175 23.47 -26.76 -1.17
CA LYS B 175 23.87 -27.81 -2.10
C LYS B 175 24.88 -28.79 -1.48
N ARG B 176 25.84 -28.27 -0.72
CA ARG B 176 26.87 -29.10 -0.06
C ARG B 176 26.75 -29.19 1.48
N SER B 177 25.56 -28.94 2.04
CA SER B 177 25.35 -29.07 3.50
C SER B 177 23.88 -29.17 3.91
N ASN B 178 23.64 -29.84 5.04
CA ASN B 178 22.29 -30.08 5.58
C ASN B 178 22.05 -29.44 6.96
N ASP B 179 22.80 -28.37 7.28
CA ASP B 179 22.65 -27.69 8.56
C ASP B 179 21.26 -27.04 8.62
N LYS B 180 20.53 -27.30 9.71
CA LYS B 180 19.15 -26.83 9.87
C LYS B 180 19.02 -25.29 9.91
N GLN B 181 20.09 -24.60 10.28
CA GLN B 181 20.13 -23.12 10.25
C GLN B 181 19.91 -22.55 8.85
N LEU B 182 20.51 -23.16 7.84
CA LEU B 182 20.42 -22.65 6.46
C LEU B 182 18.99 -22.68 5.91
N LYS B 183 18.28 -23.79 6.15
CA LYS B 183 16.86 -23.90 5.79
C LYS B 183 16.03 -22.83 6.48
N LEU B 184 16.32 -22.58 7.76
CA LEU B 184 15.64 -21.54 8.53
C LEU B 184 15.96 -20.13 8.00
N GLU B 185 17.24 -19.86 7.79
CA GLU B 185 17.70 -18.57 7.24
C GLU B 185 17.14 -18.28 5.84
N HIS B 186 17.18 -19.29 4.96
CA HIS B 186 16.64 -19.17 3.61
C HIS B 186 15.13 -18.94 3.63
N GLU B 187 14.42 -19.79 4.37
CA GLU B 187 12.97 -19.65 4.55
C GLU B 187 12.59 -18.23 5.02
N LEU B 188 13.39 -17.65 5.91
CA LEU B 188 13.15 -16.29 6.39
C LEU B 188 13.41 -15.25 5.32
N CYS B 189 14.60 -15.29 4.73
CA CYS B 189 14.96 -14.35 3.66
C CYS B 189 13.83 -14.16 2.63
N GLU B 190 13.17 -15.25 2.26
CA GLU B 190 12.05 -15.19 1.31
C GLU B 190 10.73 -14.70 1.92
N LYS B 191 10.54 -14.90 3.23
CA LYS B 191 9.48 -14.21 3.98
C LYS B 191 9.69 -12.67 3.93
N VAL B 192 10.95 -12.26 4.04
CA VAL B 192 11.34 -10.84 4.02
C VAL B 192 11.16 -10.26 2.63
N LYS B 193 11.84 -10.88 1.65
CA LYS B 193 11.79 -10.45 0.24
C LYS B 193 10.37 -10.16 -0.26
N ALA B 194 9.41 -10.97 0.18
CA ALA B 194 7.99 -10.77 -0.11
C ALA B 194 7.49 -9.46 0.50
N HIS B 195 7.77 -9.30 1.80
CA HIS B 195 7.38 -8.13 2.57
C HIS B 195 7.87 -6.84 1.91
N LEU B 196 9.16 -6.82 1.55
CA LEU B 196 9.78 -5.67 0.91
C LEU B 196 9.21 -5.39 -0.47
N GLU B 197 9.03 -6.44 -1.27
CA GLU B 197 8.43 -6.32 -2.61
C GLU B 197 6.95 -5.95 -2.58
N ASP B 198 6.27 -6.26 -1.48
CA ASP B 198 4.90 -5.77 -1.23
C ASP B 198 4.88 -4.34 -0.62
N GLY B 199 6.00 -3.62 -0.71
CA GLY B 199 6.11 -2.23 -0.24
C GLY B 199 6.40 -1.99 1.23
N LYS B 200 6.29 -3.01 2.07
CA LYS B 200 6.37 -2.84 3.53
C LYS B 200 7.82 -2.83 4.02
N ASP B 201 8.07 -2.12 5.13
CA ASP B 201 9.41 -2.01 5.72
C ASP B 201 9.57 -3.11 6.77
N VAL B 202 10.80 -3.61 6.89
CA VAL B 202 11.10 -4.80 7.71
C VAL B 202 10.65 -4.62 9.15
N ARG B 203 10.94 -3.45 9.73
CA ARG B 203 10.62 -3.22 11.15
C ARG B 203 9.12 -3.33 11.48
N PHE B 204 8.24 -3.13 10.50
CA PHE B 204 6.78 -3.27 10.68
C PHE B 204 6.20 -4.62 10.29
N GLY B 205 7.04 -5.64 10.06
CA GLY B 205 6.55 -7.00 9.92
C GLY B 205 6.18 -7.60 11.28
N ASP B 206 5.30 -8.59 11.26
CA ASP B 206 5.04 -9.42 12.44
C ASP B 206 6.07 -10.57 12.41
N TRP B 207 7.14 -10.41 13.18
CA TRP B 207 8.26 -11.35 13.18
C TRP B 207 8.33 -12.17 14.47
N LYS B 208 8.46 -13.50 14.32
CA LYS B 208 8.66 -14.40 15.47
C LYS B 208 10.06 -14.23 16.04
N SER B 209 10.20 -14.48 17.33
CA SER B 209 11.48 -14.36 18.05
C SER B 209 12.69 -14.96 17.33
N ALA B 210 12.48 -16.07 16.62
CA ALA B 210 13.54 -16.71 15.82
C ALA B 210 13.89 -15.90 14.57
N ASP B 211 12.88 -15.32 13.93
CA ASP B 211 13.09 -14.44 12.76
C ASP B 211 13.93 -13.21 13.14
N ILE B 212 13.63 -12.62 14.30
CA ILE B 212 14.32 -11.42 14.80
C ILE B 212 15.81 -11.68 15.06
N GLU B 213 16.15 -12.83 15.64
CA GLU B 213 17.54 -13.21 15.89
C GLU B 213 18.37 -13.26 14.59
N ILE B 214 17.76 -13.78 13.52
CA ILE B 214 18.43 -13.88 12.22
C ILE B 214 18.49 -12.52 11.54
N LEU B 215 17.38 -11.78 11.58
CA LEU B 215 17.34 -10.42 11.02
C LEU B 215 18.39 -9.51 11.65
N ASN B 216 18.55 -9.56 12.98
CA ASN B 216 19.58 -8.78 13.68
C ASN B 216 21.01 -9.06 13.19
N THR B 217 21.22 -10.25 12.62
CA THR B 217 22.47 -10.60 11.93
C THR B 217 22.76 -9.76 10.68
N PHE B 218 21.70 -9.28 10.02
CA PHE B 218 21.83 -8.55 8.75
C PHE B 218 22.03 -7.05 8.93
N GLN B 219 21.32 -6.47 9.91
CA GLN B 219 21.24 -5.01 10.10
C GLN B 219 20.73 -4.35 8.82
N LEU B 220 19.49 -4.70 8.49
CA LEU B 220 18.83 -4.16 7.31
C LEU B 220 18.42 -2.72 7.56
N LEU B 221 18.36 -1.93 6.49
CA LEU B 221 18.10 -0.49 6.56
C LEU B 221 16.67 -0.14 7.01
N THR B 222 15.69 -0.86 6.48
CA THR B 222 14.30 -0.65 6.86
C THR B 222 13.89 -1.34 8.18
N ALA B 223 14.81 -2.11 8.76
CA ALA B 223 14.68 -2.58 10.15
C ALA B 223 14.96 -1.48 11.18
N LYS B 224 15.69 -0.44 10.78
CA LYS B 224 16.17 0.58 11.69
C LYS B 224 15.09 1.63 12.01
N PRO B 225 14.85 1.91 13.32
CA PRO B 225 13.83 2.93 13.65
C PRO B 225 14.12 4.35 13.14
N VAL B 226 13.05 5.13 12.99
CA VAL B 226 13.11 6.44 12.39
C VAL B 226 12.35 7.44 13.25
N VAL B 227 12.94 8.61 13.43
CA VAL B 227 12.24 9.77 13.94
C VAL B 227 12.21 10.77 12.79
N TYR B 228 11.04 11.36 12.53
CA TYR B 228 10.87 12.30 11.41
C TYR B 228 11.04 13.74 11.89
N LEU B 229 12.08 14.42 11.41
CA LEU B 229 12.37 15.81 11.76
C LEU B 229 11.95 16.74 10.63
N VAL B 230 10.86 17.49 10.86
CA VAL B 230 10.20 18.28 9.82
C VAL B 230 10.73 19.71 9.87
N ASN B 231 11.61 20.04 8.93
CA ASN B 231 12.33 21.31 8.93
C ASN B 231 11.53 22.44 8.26
N MET B 232 11.30 23.52 8.98
CA MET B 232 10.49 24.64 8.50
C MET B 232 11.05 25.99 8.96
N SER B 233 10.49 27.06 8.40
CA SER B 233 10.85 28.43 8.79
C SER B 233 10.62 28.65 10.29
N GLU B 234 11.36 29.58 10.89
CA GLU B 234 11.13 29.97 12.28
C GLU B 234 9.68 30.35 12.51
N LYS B 235 9.13 31.14 11.58
CA LYS B 235 7.75 31.62 11.64
C LYS B 235 6.77 30.44 11.83
N ASP B 236 6.77 29.50 10.89
CA ASP B 236 5.87 28.33 10.92
C ASP B 236 5.98 27.50 12.20
N TYR B 237 7.22 27.23 12.61
CA TYR B 237 7.49 26.53 13.86
C TYR B 237 6.87 27.26 15.05
N GLN B 238 7.04 28.58 15.08
CA GLN B 238 6.59 29.41 16.21
C GLN B 238 5.06 29.45 16.30
N ARG B 239 4.39 29.66 15.16
CA ARG B 239 2.91 29.63 15.12
C ARG B 239 2.32 28.22 14.90
N LYS B 240 3.16 27.18 15.04
CA LYS B 240 2.75 25.78 15.08
C LYS B 240 1.84 25.33 13.93
N LYS B 241 2.09 25.89 12.75
CA LYS B 241 1.28 25.62 11.57
C LYS B 241 2.18 25.59 10.33
N ASN B 242 2.09 24.50 9.58
CA ASN B 242 2.90 24.30 8.36
C ASN B 242 2.02 23.70 7.27
N LYS B 243 2.09 24.23 6.06
CA LYS B 243 1.21 23.79 4.97
C LYS B 243 1.42 22.33 4.55
N PHE B 244 2.63 21.80 4.73
CA PHE B 244 2.94 20.41 4.36
C PHE B 244 2.65 19.40 5.47
N LEU B 245 2.73 19.84 6.73
CA LEU B 245 2.65 18.92 7.86
C LEU B 245 1.41 18.01 7.90
N PRO B 246 0.22 18.53 7.52
CA PRO B 246 -0.96 17.64 7.52
C PRO B 246 -0.87 16.47 6.53
N LYS B 247 -0.39 16.72 5.31
CA LYS B 247 -0.12 15.65 4.34
C LYS B 247 0.97 14.68 4.82
N ILE B 248 1.99 15.22 5.49
CA ILE B 248 3.10 14.41 6.02
C ILE B 248 2.62 13.52 7.15
N HIS B 249 1.85 14.09 8.07
CA HIS B 249 1.29 13.35 9.20
C HIS B 249 0.42 12.20 8.73
N ALA B 250 -0.43 12.46 7.73
CA ALA B 250 -1.33 11.45 7.18
C ALA B 250 -0.58 10.28 6.53
N TRP B 251 0.48 10.61 5.79
CA TRP B 251 1.39 9.61 5.20
C TRP B 251 2.04 8.72 6.27
N VAL B 252 2.62 9.36 7.29
CA VAL B 252 3.34 8.66 8.36
C VAL B 252 2.46 7.65 9.08
N GLN B 253 1.20 8.01 9.34
CA GLN B 253 0.26 7.09 10.01
C GLN B 253 -0.08 5.85 9.18
N GLU B 254 0.04 5.93 7.85
CA GLU B 254 -0.09 4.75 6.99
C GLU B 254 1.25 4.04 6.68
N HIS B 255 2.36 4.59 7.17
CA HIS B 255 3.68 3.96 7.04
C HIS B 255 4.42 3.90 8.40
N GLY B 256 3.78 3.29 9.39
CA GLY B 256 4.45 2.96 10.65
C GLY B 256 4.05 3.75 11.88
N GLY B 257 3.65 5.00 11.70
CA GLY B 257 3.18 5.83 12.81
C GLY B 257 4.25 6.31 13.80
N GLU B 258 5.46 6.53 13.32
CA GLU B 258 6.56 6.98 14.19
C GLU B 258 6.49 8.47 14.47
N THR B 259 7.25 8.88 15.48
CA THR B 259 7.16 10.23 16.02
C THR B 259 7.58 11.27 14.98
N ILE B 260 6.88 12.39 15.00
CA ILE B 260 7.16 13.53 14.13
C ILE B 260 7.51 14.73 15.02
N ILE B 261 8.66 15.35 14.78
CA ILE B 261 9.06 16.55 15.51
C ILE B 261 9.24 17.70 14.50
N PRO B 262 8.28 18.65 14.47
CA PRO B 262 8.52 19.89 13.72
C PRO B 262 9.59 20.74 14.38
N PHE B 263 10.43 21.38 13.57
CA PHE B 263 11.52 22.22 14.07
C PHE B 263 12.04 23.14 12.97
N SER B 264 12.84 24.12 13.37
CA SER B 264 13.43 25.08 12.43
C SER B 264 14.93 25.16 12.65
N CYS B 265 15.71 24.63 11.71
CA CYS B 265 17.17 24.83 11.69
C CYS B 265 17.60 26.29 11.87
N ALA B 266 16.93 27.17 11.12
CA ALA B 266 17.19 28.61 11.18
C ALA B 266 17.12 29.09 12.63
N PHE B 267 15.99 28.81 13.28
CA PHE B 267 15.78 29.23 14.66
C PHE B 267 16.76 28.58 15.62
N GLU B 268 16.95 27.26 15.48
CA GLU B 268 17.87 26.52 16.36
C GLU B 268 19.32 26.97 16.14
N ARG B 269 19.69 27.26 14.89
CA ARG B 269 20.98 27.89 14.57
C ARG B 269 21.11 29.23 15.28
N LEU B 270 20.15 30.11 15.01
CA LEU B 270 20.09 31.46 15.61
C LEU B 270 20.22 31.41 17.13
N LEU B 271 19.48 30.50 17.76
CA LEU B 271 19.46 30.38 19.22
C LEU B 271 20.76 29.80 19.79
N ALA B 272 21.37 28.84 19.09
CA ALA B 272 22.64 28.24 19.52
C ALA B 272 23.80 29.25 19.56
N ASP B 273 23.80 30.20 18.63
CA ASP B 273 24.85 31.22 18.54
C ASP B 273 24.71 32.35 19.57
N MET B 274 23.62 32.38 20.32
CA MET B 274 23.48 33.34 21.43
C MET B 274 24.11 32.79 22.71
N PRO B 275 24.48 33.70 23.64
CA PRO B 275 24.66 33.27 25.03
C PRO B 275 23.31 33.05 25.72
N PRO B 276 23.30 32.40 26.90
CA PRO B 276 22.07 32.13 27.66
C PRO B 276 21.12 33.30 27.86
N ASP B 277 21.67 34.47 28.17
CA ASP B 277 20.87 35.65 28.50
C ASP B 277 20.03 36.10 27.30
N GLU B 278 20.72 36.31 26.17
CA GLU B 278 20.07 36.73 24.92
C GLU B 278 19.04 35.68 24.47
N ALA B 279 19.41 34.41 24.55
CA ALA B 279 18.56 33.28 24.18
C ALA B 279 17.26 33.24 24.96
N ALA B 280 17.37 33.27 26.28
CA ALA B 280 16.19 33.28 27.15
C ALA B 280 15.31 34.53 26.95
N LYS B 281 15.94 35.64 26.59
CA LYS B 281 15.22 36.88 26.24
C LYS B 281 14.44 36.73 24.93
N TYR B 282 15.11 36.22 23.91
CA TYR B 282 14.48 35.93 22.61
C TYR B 282 13.27 35.03 22.75
N CYS B 283 13.45 33.93 23.49
CA CYS B 283 12.41 32.93 23.72
C CYS B 283 11.16 33.49 24.39
N ALA B 284 11.37 34.25 25.46
CA ALA B 284 10.27 34.86 26.21
C ALA B 284 9.56 35.95 25.41
N GLU B 285 10.35 36.82 24.77
CA GLU B 285 9.82 37.95 24.00
C GLU B 285 9.33 37.60 22.59
N ASN B 286 9.51 36.36 22.14
CA ASN B 286 8.91 35.87 20.90
C ASN B 286 7.93 34.72 21.09
N GLN B 287 7.70 34.32 22.34
CA GLN B 287 6.88 33.13 22.67
C GLN B 287 7.28 31.92 21.83
N ILE B 288 8.51 31.45 22.06
CA ILE B 288 9.14 30.39 21.28
C ILE B 288 10.16 29.64 22.14
N ALA B 289 10.40 28.37 21.81
CA ALA B 289 11.34 27.53 22.57
C ALA B 289 12.02 26.49 21.70
N SER B 290 13.25 26.15 22.08
CA SER B 290 14.03 25.12 21.38
C SER B 290 13.39 23.77 21.58
N VAL B 291 13.45 22.94 20.53
CA VAL B 291 12.94 21.57 20.57
C VAL B 291 14.08 20.52 20.48
N ILE B 292 15.33 20.97 20.59
CA ILE B 292 16.49 20.07 20.50
C ILE B 292 16.51 19.06 21.64
N PRO B 293 16.09 19.48 22.86
CA PRO B 293 15.99 18.49 23.94
C PRO B 293 15.09 17.32 23.59
N LYS B 294 13.85 17.60 23.17
CA LYS B 294 12.91 16.55 22.76
C LYS B 294 13.45 15.70 21.63
N ILE B 295 14.11 16.34 20.68
CA ILE B 295 14.78 15.64 19.59
C ILE B 295 15.83 14.68 20.13
N ILE B 296 16.65 15.17 21.07
CA ILE B 296 17.66 14.33 21.72
C ILE B 296 17.03 13.18 22.53
N LYS B 297 15.95 13.45 23.26
CA LYS B 297 15.25 12.42 24.04
C LYS B 297 14.54 11.41 23.15
N THR B 298 13.81 11.90 22.16
CA THR B 298 13.05 11.04 21.25
C THR B 298 13.98 10.10 20.48
N GLY B 299 15.08 10.64 19.95
CA GLY B 299 16.10 9.84 19.27
C GLY B 299 16.64 8.71 20.12
N PHE B 300 16.92 9.02 21.38
CA PHE B 300 17.46 8.07 22.37
C PHE B 300 16.47 6.95 22.69
N ALA B 301 15.19 7.31 22.85
CA ALA B 301 14.14 6.32 23.07
C ALA B 301 13.96 5.46 21.84
N ALA B 302 13.98 6.09 20.67
CA ALA B 302 13.65 5.44 19.40
C ALA B 302 14.54 4.24 19.09
N ILE B 303 15.83 4.36 19.44
CA ILE B 303 16.80 3.27 19.26
C ILE B 303 16.87 2.29 20.44
N HIS B 304 15.83 2.28 21.27
CA HIS B 304 15.62 1.25 22.29
C HIS B 304 16.60 1.32 23.47
N LEU B 305 17.12 2.52 23.72
CA LEU B 305 17.92 2.78 24.92
C LEU B 305 17.05 3.39 25.99
N ILE B 306 17.31 3.00 27.23
CA ILE B 306 16.77 3.62 28.43
C ILE B 306 17.96 3.80 29.37
N TYR B 307 17.71 4.30 30.58
CA TYR B 307 18.72 4.28 31.63
C TYR B 307 18.06 4.10 33.00
N PHE B 308 18.81 3.50 33.93
CA PHE B 308 18.45 3.46 35.34
C PHE B 308 19.42 4.38 36.07
N PHE B 309 19.05 4.78 37.29
CA PHE B 309 19.88 5.66 38.11
C PHE B 309 20.58 4.86 39.21
N THR B 310 21.81 5.25 39.51
CA THR B 310 22.42 4.98 40.82
C THR B 310 22.62 6.37 41.40
N ALA B 311 22.25 6.57 42.66
CA ALA B 311 22.24 7.90 43.26
C ALA B 311 22.78 7.89 44.68
N GLY B 312 23.69 8.82 44.96
CA GLY B 312 24.27 9.00 46.29
C GLY B 312 25.08 10.28 46.38
N PRO B 313 25.65 10.57 47.57
CA PRO B 313 26.51 11.76 47.72
C PRO B 313 27.84 11.69 46.96
N ASP B 314 28.34 10.47 46.70
CA ASP B 314 29.54 10.29 45.86
C ASP B 314 29.24 10.54 44.36
N GLU B 315 28.10 10.05 43.88
CA GLU B 315 27.76 10.10 42.45
C GLU B 315 26.25 9.94 42.21
N VAL B 316 25.75 10.65 41.19
CA VAL B 316 24.44 10.41 40.59
C VAL B 316 24.65 10.27 39.09
N LYS B 317 24.17 9.16 38.52
CA LYS B 317 24.55 8.75 37.18
C LYS B 317 23.41 8.02 36.45
N CYS B 318 23.34 8.25 35.13
CA CYS B 318 22.42 7.55 34.24
C CYS B 318 23.19 6.41 33.55
N TRP B 319 22.72 5.19 33.76
CA TRP B 319 23.38 4.00 33.23
C TRP B 319 22.61 3.47 32.05
N GLN B 320 23.03 3.84 30.83
CA GLN B 320 22.23 3.49 29.65
C GLN B 320 22.31 1.98 29.40
N ILE B 321 21.17 1.41 29.01
CA ILE B 321 21.05 0.00 28.70
C ILE B 321 20.00 -0.17 27.60
N ARG B 322 20.04 -1.31 26.92
CA ARG B 322 19.00 -1.63 25.93
C ARG B 322 17.71 -1.98 26.69
N ARG B 323 16.56 -1.66 26.09
CA ARG B 323 15.25 -1.98 26.69
C ARG B 323 15.04 -3.50 26.70
N GLN B 324 14.32 -3.97 27.71
CA GLN B 324 14.14 -5.41 28.01
C GLN B 324 15.36 -6.08 28.65
N THR B 325 16.36 -5.30 29.08
CA THR B 325 17.50 -5.84 29.80
C THR B 325 17.07 -6.17 31.23
N LYS B 326 17.55 -7.30 31.75
CA LYS B 326 17.19 -7.75 33.09
C LYS B 326 18.25 -7.35 34.09
N ALA B 327 17.90 -7.44 35.37
CA ALA B 327 18.70 -6.88 36.47
C ALA B 327 20.18 -7.29 36.52
N PRO B 328 20.50 -8.61 36.37
CA PRO B 328 21.90 -9.01 36.50
C PRO B 328 22.80 -8.48 35.37
N GLN B 329 22.27 -8.47 34.15
CA GLN B 329 22.99 -7.94 32.99
C GLN B 329 23.18 -6.42 33.14
N ALA B 330 22.12 -5.74 33.57
CA ALA B 330 22.21 -4.31 33.92
C ALA B 330 23.19 -4.05 35.08
N ALA B 331 23.29 -5.00 36.00
CA ALA B 331 24.33 -4.94 37.04
C ALA B 331 25.72 -5.02 36.42
N GLY B 332 25.88 -5.99 35.52
CA GLY B 332 27.13 -6.21 34.77
C GLY B 332 27.76 -4.99 34.13
N THR B 333 26.94 -4.03 33.69
CA THR B 333 27.44 -2.77 33.11
C THR B 333 28.21 -1.90 34.11
N ILE B 334 28.00 -2.08 35.41
CA ILE B 334 28.72 -1.30 36.42
C ILE B 334 30.02 -2.02 36.77
N HIS B 335 29.91 -3.27 37.19
CA HIS B 335 31.06 -4.12 37.49
C HIS B 335 30.60 -5.56 37.31
N THR B 336 31.46 -6.41 36.73
CA THR B 336 31.06 -7.79 36.39
C THR B 336 30.75 -8.65 37.61
N ASP B 337 31.54 -8.50 38.67
CA ASP B 337 31.23 -9.04 40.01
C ASP B 337 29.74 -9.01 40.37
N PHE B 338 29.10 -7.87 40.11
CA PHE B 338 27.69 -7.64 40.43
C PHE B 338 26.79 -8.64 39.68
N GLU B 339 27.09 -8.87 38.40
CA GLU B 339 26.40 -9.87 37.60
C GLU B 339 26.79 -11.28 38.02
N ARG B 340 28.09 -11.50 38.19
CA ARG B 340 28.65 -12.83 38.49
C ARG B 340 27.96 -13.42 39.72
N GLY B 341 28.00 -12.68 40.82
CA GLY B 341 27.33 -13.07 42.06
C GLY B 341 26.07 -12.27 42.38
N PHE B 342 25.23 -12.02 41.37
CA PHE B 342 23.96 -11.30 41.57
C PHE B 342 23.10 -11.97 42.64
N ILE B 343 22.72 -11.20 43.66
CA ILE B 343 21.77 -11.66 44.68
C ILE B 343 20.41 -11.02 44.38
N CYS B 344 20.38 -9.69 44.36
CA CYS B 344 19.16 -8.94 44.02
C CYS B 344 19.45 -7.53 43.53
N ALA B 345 18.39 -6.85 43.10
CA ALA B 345 18.46 -5.45 42.69
C ALA B 345 17.50 -4.66 43.57
N GLU B 346 18.06 -3.82 44.43
CA GLU B 346 17.26 -2.99 45.33
C GLU B 346 16.73 -1.76 44.61
N VAL B 347 15.57 -1.92 43.98
CA VAL B 347 14.94 -0.86 43.17
C VAL B 347 14.00 0.04 43.98
N MET B 348 14.06 1.35 43.73
CA MET B 348 12.97 2.24 44.11
C MET B 348 12.62 3.15 42.95
N LYS B 349 11.32 3.33 42.72
CA LYS B 349 10.82 4.16 41.66
C LYS B 349 11.02 5.63 42.02
N PHE B 350 11.24 6.46 41.01
CA PHE B 350 11.50 7.90 41.23
C PHE B 350 10.33 8.65 41.88
N ASP B 351 9.10 8.32 41.48
CA ASP B 351 7.91 8.96 42.06
C ASP B 351 7.83 8.76 43.58
N ASP B 352 8.02 7.51 44.02
CA ASP B 352 8.01 7.17 45.45
C ASP B 352 9.07 7.96 46.21
N LEU B 353 10.24 8.17 45.61
CA LEU B 353 11.29 9.00 46.23
C LEU B 353 10.79 10.43 46.40
N LYS B 354 10.29 11.03 45.32
CA LYS B 354 9.83 12.44 45.33
C LYS B 354 8.64 12.67 46.26
N GLU B 355 7.64 11.80 46.18
CA GLU B 355 6.45 11.87 47.06
C GLU B 355 6.85 11.95 48.53
N LEU B 356 7.73 11.04 48.95
CA LEU B 356 8.23 10.99 50.32
C LEU B 356 9.45 11.93 50.44
N GLY B 357 10.11 11.91 51.59
CA GLY B 357 11.32 12.72 51.79
C GLY B 357 12.49 12.24 50.95
N SER B 358 13.19 11.22 51.47
CA SER B 358 14.39 10.70 50.84
C SER B 358 14.45 9.16 50.96
N GLU B 359 15.58 8.56 50.57
CA GLU B 359 15.79 7.11 50.60
C GLU B 359 15.38 6.47 51.92
N SER B 360 15.77 7.11 53.02
CA SER B 360 15.49 6.60 54.38
C SER B 360 13.98 6.56 54.64
N ALA B 361 13.27 7.61 54.23
CA ALA B 361 11.80 7.67 54.36
C ALA B 361 11.09 6.65 53.48
N VAL B 362 11.61 6.45 52.27
CA VAL B 362 11.05 5.49 51.29
C VAL B 362 11.20 4.06 51.77
N LYS B 363 12.37 3.78 52.36
CA LYS B 363 12.70 2.48 52.89
C LYS B 363 11.79 2.13 54.08
N ALA B 364 11.58 3.12 54.96
CA ALA B 364 10.65 2.99 56.10
C ALA B 364 9.20 2.64 55.72
N ALA B 365 8.75 3.12 54.56
CA ALA B 365 7.40 2.83 54.05
C ALA B 365 7.27 1.46 53.37
N GLY B 366 8.38 0.77 53.15
CA GLY B 366 8.36 -0.52 52.44
C GLY B 366 8.10 -0.39 50.95
N LYS B 367 8.59 0.69 50.34
CA LYS B 367 8.48 0.90 48.88
C LYS B 367 9.89 0.80 48.26
N TYR B 368 10.62 -0.24 48.68
CA TYR B 368 12.05 -0.41 48.39
C TYR B 368 12.28 -1.86 47.92
N ARG B 369 11.60 -2.22 46.84
CA ARG B 369 11.59 -3.59 46.29
C ARG B 369 13.00 -4.23 46.13
N GLN B 370 13.07 -5.54 46.39
CA GLN B 370 14.27 -6.34 46.14
C GLN B 370 13.95 -7.26 44.98
N GLU B 371 14.38 -6.88 43.79
CA GLU B 371 14.01 -7.60 42.57
C GLU B 371 15.03 -8.67 42.20
N GLY B 372 14.57 -9.71 41.52
CA GLY B 372 15.37 -10.90 41.24
C GLY B 372 16.09 -10.90 39.91
N LYS B 373 16.63 -12.07 39.55
CA LYS B 373 17.30 -12.26 38.26
C LYS B 373 16.39 -12.01 37.07
N THR B 374 15.10 -12.35 37.22
CA THR B 374 14.11 -12.20 36.15
C THR B 374 13.47 -10.80 36.03
N TYR B 375 13.88 -9.85 36.87
CA TYR B 375 13.31 -8.48 36.82
C TYR B 375 13.83 -7.71 35.63
N VAL B 376 12.90 -7.18 34.82
CA VAL B 376 13.24 -6.32 33.68
C VAL B 376 13.31 -4.88 34.18
N VAL B 377 14.48 -4.26 34.02
CA VAL B 377 14.73 -2.93 34.58
C VAL B 377 13.93 -1.89 33.80
N GLN B 378 13.11 -1.13 34.51
CA GLN B 378 12.30 -0.06 33.92
C GLN B 378 13.05 1.26 33.95
N ASP B 379 12.87 2.07 32.90
CA ASP B 379 13.54 3.38 32.79
C ASP B 379 13.18 4.22 33.99
N GLY B 380 14.19 4.86 34.58
CA GLY B 380 13.98 5.67 35.77
C GLY B 380 14.23 4.97 37.10
N ASP B 381 14.25 3.65 37.11
CA ASP B 381 14.56 2.87 38.31
C ASP B 381 15.81 3.41 38.99
N ILE B 382 15.75 3.55 40.30
CA ILE B 382 16.90 3.92 41.12
C ILE B 382 17.33 2.63 41.80
N ILE B 383 18.52 2.13 41.43
CA ILE B 383 18.93 0.77 41.77
C ILE B 383 20.25 0.73 42.53
N PHE B 384 20.28 -0.14 43.54
CA PHE B 384 21.49 -0.52 44.27
C PHE B 384 21.56 -2.04 44.20
N PHE B 385 22.73 -2.58 43.85
CA PHE B 385 22.88 -4.02 43.65
C PHE B 385 23.53 -4.74 44.84
N LYS B 386 23.04 -5.95 45.11
CA LYS B 386 23.55 -6.84 46.17
C LYS B 386 24.17 -8.07 45.49
N PHE B 387 25.38 -8.45 45.91
CA PHE B 387 26.16 -9.48 45.21
C PHE B 387 27.15 -10.27 46.10
N ASN B 388 27.73 -11.33 45.51
CA ASN B 388 28.69 -12.24 46.16
C ASN B 388 28.25 -12.78 47.51
PG ANP C . -19.75 14.57 -15.21
O1G ANP C . -21.09 14.51 -15.91
O2G ANP C . -19.54 13.49 -14.17
O3G ANP C . -19.36 15.97 -14.78
PB ANP C . -18.86 14.87 -17.99
O1B ANP C . -19.90 14.00 -18.64
O2B ANP C . -19.18 16.33 -17.76
N3B ANP C . -18.57 14.18 -16.44
PA ANP C . -17.55 15.52 -20.37
O1A ANP C . -17.01 14.55 -21.39
O2A ANP C . -18.89 16.16 -20.67
O3A ANP C . -17.55 14.81 -18.93
O5' ANP C . -16.51 16.73 -20.10
C5' ANP C . -15.11 16.65 -20.37
C4' ANP C . -14.70 17.87 -21.18
O4' ANP C . -13.30 17.78 -21.43
C3' ANP C . -15.42 17.97 -22.52
O3' ANP C . -15.95 19.29 -22.70
C2' ANP C . -14.37 17.63 -23.56
O2' ANP C . -14.45 18.46 -24.72
C1' ANP C . -13.04 17.80 -22.84
N9 ANP C . -12.09 16.70 -23.20
C8 ANP C . -12.26 15.40 -22.93
N7 ANP C . -11.21 14.68 -23.40
C5 ANP C . -10.34 15.53 -23.97
C6 ANP C . -9.03 15.45 -24.64
N6 ANP C . -8.41 14.25 -24.82
N1 ANP C . -8.46 16.60 -25.09
C2 ANP C . -9.05 17.81 -24.93
N3 ANP C . -10.25 17.95 -24.33
C4 ANP C . -10.93 16.88 -23.83
MG MG D . -22.31 12.99 -18.22
CL CL E . -29.81 -24.95 -33.43
CL CL F . -27.69 10.74 -13.17
CL CL G . -25.56 15.88 -10.84
N1 EPE H . -34.74 -20.87 -36.44
C2 EPE H . -34.92 -21.18 -37.86
C3 EPE H . -35.85 -20.11 -38.41
N4 EPE H . -37.14 -19.98 -37.65
C5 EPE H . -37.12 -20.36 -36.21
C6 EPE H . -35.98 -21.26 -35.73
C7 EPE H . -37.66 -18.60 -37.77
C8 EPE H . -37.92 -18.17 -39.22
O8 EPE H . -38.62 -19.19 -39.94
C9 EPE H . -33.54 -21.50 -35.89
C10 EPE H . -32.31 -20.67 -36.29
S EPE H . -31.15 -20.61 -35.11
O1S EPE H . -29.93 -19.95 -35.65
O2S EPE H . -30.83 -22.00 -34.66
O3S EPE H . -31.68 -19.83 -33.98
PG ANP I . 24.04 17.90 1.90
O1G ANP I . 23.01 16.83 1.63
O2G ANP I . 24.91 18.21 0.69
O3G ANP I . 24.82 17.70 3.17
PB ANP I . 21.99 19.44 3.50
O1B ANP I . 20.88 18.43 3.28
O2B ANP I . 22.85 19.30 4.73
N3B ANP I . 23.09 19.35 2.14
PA ANP I . 22.05 22.20 4.15
O1A ANP I . 23.15 22.54 3.17
O2A ANP I . 22.36 22.07 5.62
O3A ANP I . 21.28 20.88 3.60
O5' ANP I . 20.93 23.33 4.00
C5' ANP I . 21.21 24.59 4.60
C4' ANP I . 20.69 25.71 3.73
O4' ANP I . 19.29 25.52 3.49
C3' ANP I . 20.89 27.05 4.43
O3' ANP I . 21.93 27.81 3.79
C2' ANP I . 19.52 27.72 4.37
O2' ANP I . 19.48 28.76 3.38
C1' ANP I . 18.53 26.61 4.02
N9 ANP I . 17.76 26.20 5.22
C8 ANP I . 17.91 25.07 5.96
N7 ANP I . 17.01 25.02 6.98
C5 ANP I . 16.25 26.13 6.89
C6 ANP I . 15.11 26.71 7.65
N6 ANP I . 14.60 26.06 8.72
N1 ANP I . 14.60 27.90 7.23
C2 ANP I . 15.11 28.56 6.16
N3 ANP I . 16.15 28.08 5.43
C4 ANP I . 16.75 26.90 5.74
MG MG J . 27.27 17.67 5.41
CL CL K . 26.36 0.16 43.30
CL CL L . 28.12 3.78 41.81
CL CL M . 21.81 9.15 -6.57
S SO4 N . 33.45 3.55 43.21
O1 SO4 N . 32.05 3.69 42.77
O2 SO4 N . 34.27 3.05 42.09
O3 SO4 N . 33.96 4.87 43.66
O4 SO4 N . 33.52 2.58 44.33
#